data_5YF1
#
_entry.id   5YF1
#
_cell.length_a   128.125
_cell.length_b   128.125
_cell.length_c   324.643
_cell.angle_alpha   90.000
_cell.angle_beta   90.000
_cell.angle_gamma   120.000
#
_symmetry.space_group_name_H-M   'P 61 2 2'
#
loop_
_entity.id
_entity.type
_entity.pdbx_description
1 polymer 'Carnosine N-methyltransferase'
2 non-polymer SINEFUNGIN
3 non-polymer '(2~{S})-2-(3-azanylpropanoylamino)-3-(1~{H}-imidazol-4-yl)propanoic acid'
4 non-polymer 'ACETATE ION'
5 non-polymer 1,2-ETHANEDIOL
6 non-polymer 'CALCIUM ION'
7 water water
#
_entity_poly.entity_id   1
_entity_poly.type   'polypeptide(L)'
_entity_poly.pdbx_seq_one_letter_code
;GPLGSSTEEEEERLEREHFWKIINAFRYYGTSMHERVNRTERQFRSLPANQQKLLPQFLLHLDKIRKCIDHNQEILLTIV
NDCIHMFENKEYGEDGNGKIMPASTFDMDKLKSTLKQFVRDWSETGKAERDACYQPIIKEILKNFPKERWDPSKVNILVP
GAGLGRLAWEIAMLGYACQGNEWSFFMLFSSNFVLNRCSEINKYKLYPWIHQFSNNRRSADQIRPIFFPDVDPHSLPPGS
NFSMTAGDFQEIYSECNTWDCIATCFFIDTAHNVIDYIDTIWKILKPGGIWINLGPLLYHFENLANELSIELSYEDIKNV
VLQYGFKVEVEKESVLSTYTVNDLSMMKYYYECVLFVVRKPQ
;
_entity_poly.pdbx_strand_id   A,B
#
# COMPACT_ATOMS: atom_id res chain seq x y z
N GLU A 10 37.24 15.07 1.82
CA GLU A 10 36.61 13.77 2.04
C GLU A 10 35.12 13.81 1.70
N GLU A 11 34.38 14.72 2.35
CA GLU A 11 32.94 14.80 2.13
C GLU A 11 32.63 15.12 0.68
N GLU A 12 33.46 15.93 0.02
CA GLU A 12 33.21 16.29 -1.37
C GLU A 12 33.44 15.10 -2.29
N ARG A 13 34.36 14.21 -1.95
CA ARG A 13 34.61 13.04 -2.80
C ARG A 13 33.62 11.92 -2.50
N LEU A 14 33.22 11.76 -1.23
CA LEU A 14 32.14 10.85 -0.90
C LEU A 14 30.87 11.22 -1.64
N GLU A 15 30.65 12.52 -1.88
CA GLU A 15 29.55 12.94 -2.73
C GLU A 15 29.77 12.51 -4.17
N ARG A 16 31.03 12.54 -4.64
CA ARG A 16 31.32 12.08 -5.99
C ARG A 16 31.17 10.57 -6.10
N GLU A 17 31.48 9.84 -5.03
CA GLU A 17 31.20 8.41 -5.02
C GLU A 17 29.70 8.14 -5.11
N HIS A 18 28.91 8.87 -4.31
CA HIS A 18 27.46 8.77 -4.39
C HIS A 18 26.95 9.21 -5.76
N PHE A 19 27.58 10.23 -6.35
CA PHE A 19 27.20 10.69 -7.69
C PHE A 19 27.32 9.57 -8.72
N TRP A 20 28.47 8.90 -8.75
CA TRP A 20 28.65 7.82 -9.73
C TRP A 20 27.78 6.62 -9.38
N LYS A 21 27.46 6.43 -8.11
CA LYS A 21 26.59 5.31 -7.74
C LYS A 21 25.23 5.45 -8.40
N ILE A 22 24.72 6.68 -8.53
CA ILE A 22 23.43 6.94 -9.14
C ILE A 22 23.50 6.87 -10.65
N ILE A 23 24.57 7.42 -11.24
CA ILE A 23 24.81 7.25 -12.68
C ILE A 23 24.77 5.78 -13.05
N ASN A 24 25.44 4.95 -12.25
CA ASN A 24 25.45 3.52 -12.51
C ASN A 24 24.05 2.93 -12.43
N ALA A 25 23.24 3.38 -11.46
CA ALA A 25 21.87 2.88 -11.35
C ALA A 25 21.07 3.19 -12.61
N PHE A 26 21.15 4.43 -13.10
CA PHE A 26 20.48 4.79 -14.34
C PHE A 26 20.89 3.87 -15.48
N ARG A 27 22.14 3.41 -15.48
CA ARG A 27 22.63 2.56 -16.55
C ARG A 27 22.29 1.09 -16.35
N TYR A 28 21.93 0.70 -15.14
CA TYR A 28 21.61 -0.69 -14.83
C TYR A 28 20.12 -1.00 -14.99
N TYR A 29 19.30 -0.01 -15.34
CA TYR A 29 17.86 -0.20 -15.39
C TYR A 29 17.45 -1.35 -16.30
N GLY A 30 17.91 -1.33 -17.55
CA GLY A 30 17.55 -2.38 -18.50
C GLY A 30 17.97 -3.76 -18.05
N THR A 31 19.21 -3.89 -17.57
CA THR A 31 19.67 -5.16 -17.04
C THR A 31 18.74 -5.67 -15.95
N SER A 32 18.40 -4.81 -14.99
CA SER A 32 17.57 -5.23 -13.88
C SER A 32 16.18 -5.65 -14.33
N MET A 33 15.60 -4.93 -15.29
CA MET A 33 14.23 -5.24 -15.72
C MET A 33 14.20 -6.43 -16.65
N HIS A 34 15.21 -6.58 -17.51
CA HIS A 34 15.26 -7.77 -18.35
C HIS A 34 15.39 -9.03 -17.50
N GLU A 35 16.09 -8.95 -16.38
CA GLU A 35 16.18 -10.13 -15.52
C GLU A 35 14.83 -10.45 -14.90
N ARG A 36 14.05 -9.43 -14.53
CA ARG A 36 12.73 -9.68 -13.97
C ARG A 36 11.82 -10.32 -15.01
N VAL A 37 11.89 -9.86 -16.26
CA VAL A 37 11.04 -10.43 -17.29
C VAL A 37 11.50 -11.85 -17.62
N ASN A 38 12.81 -12.12 -17.53
CA ASN A 38 13.29 -13.48 -17.77
C ASN A 38 12.75 -14.45 -16.73
N ARG A 39 12.58 -13.98 -15.49
CA ARG A 39 11.99 -14.82 -14.46
C ARG A 39 10.56 -15.18 -14.83
N THR A 40 9.79 -14.19 -15.26
CA THR A 40 8.40 -14.44 -15.65
C THR A 40 8.33 -15.39 -16.84
N GLU A 41 9.21 -15.20 -17.83
CA GLU A 41 9.23 -16.09 -18.99
C GLU A 41 9.62 -17.52 -18.62
N ARG A 42 10.64 -17.69 -17.77
CA ARG A 42 11.05 -19.04 -17.37
C ARG A 42 9.94 -19.76 -16.63
N GLN A 43 9.17 -19.03 -15.82
CA GLN A 43 8.08 -19.66 -15.09
C GLN A 43 6.95 -20.04 -16.02
N PHE A 44 6.63 -19.18 -16.99
CA PHE A 44 5.61 -19.54 -17.98
C PHE A 44 6.03 -20.77 -18.81
N ARG A 45 7.29 -20.82 -19.26
CA ARG A 45 7.72 -21.98 -20.03
C ARG A 45 7.77 -23.24 -19.19
N SER A 46 7.87 -23.11 -17.86
CA SER A 46 7.83 -24.30 -17.02
C SER A 46 6.42 -24.92 -16.94
N LEU A 47 5.37 -24.17 -17.26
CA LEU A 47 4.02 -24.67 -17.13
C LEU A 47 3.78 -25.82 -18.11
N PRO A 48 2.82 -26.70 -17.81
CA PRO A 48 2.45 -27.72 -18.79
C PRO A 48 2.03 -27.09 -20.10
N ALA A 49 2.31 -27.80 -21.19
CA ALA A 49 1.99 -27.27 -22.52
C ALA A 49 0.50 -26.95 -22.64
N ASN A 50 -0.37 -27.72 -22.00
CA ASN A 50 -1.80 -27.47 -22.12
C ASN A 50 -2.18 -26.12 -21.51
N GLN A 51 -1.47 -25.68 -20.46
CA GLN A 51 -1.78 -24.37 -19.90
C GLN A 51 -1.13 -23.26 -20.71
N GLN A 52 0.06 -23.48 -21.23
CA GLN A 52 0.67 -22.49 -22.09
C GLN A 52 -0.21 -22.21 -23.30
N LYS A 53 -0.87 -23.25 -23.83
CA LYS A 53 -1.71 -23.09 -25.01
C LYS A 53 -2.93 -22.21 -24.73
N LEU A 54 -3.32 -22.07 -23.45
CA LEU A 54 -4.44 -21.20 -23.10
C LEU A 54 -4.12 -19.72 -23.29
N LEU A 55 -2.84 -19.36 -23.37
CA LEU A 55 -2.39 -17.96 -23.36
C LEU A 55 -1.49 -17.72 -24.56
N PRO A 56 -2.03 -17.78 -25.78
CA PRO A 56 -1.18 -17.74 -26.97
C PRO A 56 -0.50 -16.38 -27.21
N GLN A 57 -0.84 -15.34 -26.47
CA GLN A 57 -0.18 -14.06 -26.65
C GLN A 57 0.80 -13.72 -25.52
N PHE A 58 0.98 -14.64 -24.55
CA PHE A 58 1.71 -14.28 -23.33
C PHE A 58 3.17 -13.95 -23.64
N LEU A 59 3.85 -14.82 -24.38
CA LEU A 59 5.26 -14.59 -24.68
C LEU A 59 5.44 -13.37 -25.58
N LEU A 60 4.49 -13.10 -26.48
CA LEU A 60 4.55 -11.89 -27.29
C LEU A 60 4.43 -10.65 -26.42
N HIS A 61 3.58 -10.71 -25.41
CA HIS A 61 3.39 -9.58 -24.53
C HIS A 61 4.66 -9.30 -23.75
N LEU A 62 5.36 -10.36 -23.31
CA LEU A 62 6.67 -10.17 -22.69
C LEU A 62 7.63 -9.46 -23.64
N ASP A 63 7.56 -9.77 -24.93
CA ASP A 63 8.43 -9.06 -25.88
C ASP A 63 8.08 -7.59 -25.96
N LYS A 64 6.80 -7.25 -25.85
CA LYS A 64 6.44 -5.84 -25.84
C LYS A 64 6.96 -5.14 -24.59
N ILE A 65 6.94 -5.84 -23.44
CA ILE A 65 7.51 -5.27 -22.23
C ILE A 65 9.01 -5.03 -22.41
N ARG A 66 9.69 -5.97 -23.08
CA ARG A 66 11.12 -5.81 -23.34
C ARG A 66 11.38 -4.58 -24.21
N LYS A 67 10.53 -4.33 -25.20
CA LYS A 67 10.72 -3.12 -26.00
C LYS A 67 10.50 -1.86 -25.14
N CYS A 68 9.53 -1.87 -24.23
CA CYS A 68 9.30 -0.70 -23.38
C CYS A 68 10.46 -0.47 -22.42
N ILE A 69 11.02 -1.56 -21.88
CA ILE A 69 12.22 -1.45 -21.05
C ILE A 69 13.32 -0.73 -21.82
N ASP A 70 13.62 -1.23 -23.02
CA ASP A 70 14.68 -0.65 -23.84
C ASP A 70 14.43 0.83 -24.13
N HIS A 71 13.17 1.21 -24.38
CA HIS A 71 12.88 2.62 -24.59
C HIS A 71 13.16 3.42 -23.32
N ASN A 72 12.59 3.00 -22.17
CA ASN A 72 12.87 3.67 -20.91
C ASN A 72 14.37 3.81 -20.67
N GLN A 73 15.14 2.76 -21.02
CA GLN A 73 16.58 2.84 -20.81
C GLN A 73 17.22 3.90 -21.69
N GLU A 74 16.69 4.11 -22.90
CA GLU A 74 17.24 5.17 -23.75
C GLU A 74 16.92 6.55 -23.18
N ILE A 75 15.72 6.76 -22.63
CA ILE A 75 15.43 8.01 -21.95
C ILE A 75 16.40 8.23 -20.79
N LEU A 76 16.62 7.18 -19.98
CA LEU A 76 17.48 7.32 -18.82
C LEU A 76 18.90 7.68 -19.22
N LEU A 77 19.40 7.11 -20.33
CA LEU A 77 20.74 7.46 -20.82
C LEU A 77 20.77 8.88 -21.37
N THR A 78 19.70 9.31 -22.04
CA THR A 78 19.62 10.71 -22.45
C THR A 78 19.69 11.63 -21.25
N ILE A 79 19.05 11.25 -20.14
CA ILE A 79 19.14 12.06 -18.92
C ILE A 79 20.56 12.05 -18.38
N VAL A 80 21.18 10.87 -18.32
CA VAL A 80 22.49 10.75 -17.71
C VAL A 80 23.56 11.40 -18.57
N ASN A 81 23.38 11.38 -19.89
CA ASN A 81 24.35 11.99 -20.79
C ASN A 81 24.27 13.51 -20.72
N ASP A 82 23.05 14.04 -20.78
CA ASP A 82 22.81 15.49 -20.77
C ASP A 82 23.12 16.15 -19.43
N CYS A 83 23.53 15.40 -18.41
CA CYS A 83 23.90 15.97 -17.12
C CYS A 83 25.36 15.71 -16.77
N ILE A 84 26.15 15.17 -17.68
CA ILE A 84 27.58 15.02 -17.49
C ILE A 84 28.35 16.20 -18.08
N HIS A 85 27.99 16.61 -19.29
CA HIS A 85 28.70 17.68 -20.00
C HIS A 85 28.06 19.05 -19.76
N LYS A 99 31.96 0.23 -17.45
CA LYS A 99 31.48 -1.10 -17.06
C LYS A 99 30.37 -0.99 -16.02
N ILE A 100 29.16 -1.36 -16.41
CA ILE A 100 27.99 -1.23 -15.55
C ILE A 100 28.02 -2.33 -14.50
N MET A 101 28.24 -1.96 -13.24
CA MET A 101 28.16 -2.90 -12.13
C MET A 101 26.73 -2.98 -11.61
N PRO A 102 26.35 -4.10 -11.00
CA PRO A 102 24.96 -4.27 -10.56
C PRO A 102 24.60 -3.31 -9.45
N ALA A 103 23.60 -2.46 -9.71
CA ALA A 103 23.09 -1.55 -8.69
C ALA A 103 22.21 -2.31 -7.71
N SER A 104 21.84 -1.64 -6.64
CA SER A 104 21.13 -2.27 -5.53
C SER A 104 19.64 -2.22 -5.75
N THR A 105 18.92 -3.03 -4.96
CA THR A 105 17.46 -3.04 -5.04
C THR A 105 16.88 -1.73 -4.54
N PHE A 106 17.49 -1.15 -3.50
CA PHE A 106 17.04 0.14 -3.01
C PHE A 106 17.08 1.19 -4.12
N ASP A 107 18.14 1.20 -4.92
CA ASP A 107 18.29 2.23 -5.94
C ASP A 107 17.40 1.98 -7.15
N MET A 108 17.21 0.71 -7.55
CA MET A 108 16.28 0.43 -8.65
C MET A 108 14.84 0.79 -8.29
N ASP A 109 14.45 0.68 -7.03
CA ASP A 109 13.12 1.12 -6.63
C ASP A 109 13.01 2.64 -6.73
N LYS A 110 14.04 3.36 -6.31
CA LYS A 110 14.04 4.81 -6.45
C LYS A 110 14.01 5.23 -7.91
N LEU A 111 14.62 4.43 -8.79
CA LEU A 111 14.60 4.74 -10.20
C LEU A 111 13.20 4.53 -10.79
N LYS A 112 12.53 3.42 -10.42
CA LYS A 112 11.16 3.22 -10.87
C LYS A 112 10.24 4.33 -10.39
N SER A 113 10.40 4.77 -9.14
CA SER A 113 9.62 5.91 -8.66
C SER A 113 9.93 7.18 -9.44
N THR A 114 11.17 7.35 -9.90
CA THR A 114 11.50 8.55 -10.66
C THR A 114 10.75 8.59 -11.99
N LEU A 115 10.65 7.46 -12.68
CA LEU A 115 9.83 7.43 -13.90
C LEU A 115 8.39 7.86 -13.59
N LYS A 116 7.79 7.29 -12.53
CA LYS A 116 6.43 7.69 -12.18
C LYS A 116 6.33 9.17 -11.85
N GLN A 117 7.42 9.76 -11.34
CA GLN A 117 7.41 11.19 -11.04
C GLN A 117 7.20 12.05 -12.28
N PHE A 118 7.72 11.62 -13.43
CA PHE A 118 7.46 12.36 -14.67
C PHE A 118 5.97 12.46 -14.96
N VAL A 119 5.20 11.45 -14.56
CA VAL A 119 3.75 11.50 -14.77
C VAL A 119 3.14 12.60 -13.91
N ARG A 120 3.42 12.56 -12.61
CA ARG A 120 2.87 13.55 -11.69
C ARG A 120 3.24 14.97 -12.09
N ASP A 121 4.50 15.20 -12.45
CA ASP A 121 4.98 16.57 -12.55
C ASP A 121 4.95 17.13 -13.95
N TRP A 122 5.05 16.30 -14.99
CA TRP A 122 5.25 16.87 -16.33
C TRP A 122 4.41 16.22 -17.42
N SER A 123 3.38 15.45 -17.07
CA SER A 123 2.52 14.83 -18.07
C SER A 123 1.08 15.29 -17.88
N GLU A 124 0.33 15.30 -18.99
CA GLU A 124 -1.10 15.59 -18.91
C GLU A 124 -1.81 14.56 -18.03
N THR A 125 -1.36 13.31 -18.10
CA THR A 125 -1.88 12.27 -17.22
C THR A 125 -1.86 12.68 -15.76
N GLY A 126 -0.87 13.45 -15.33
CA GLY A 126 -0.75 13.88 -13.96
C GLY A 126 -1.52 15.12 -13.57
N LYS A 127 -2.39 15.63 -14.44
CA LYS A 127 -3.03 16.93 -14.19
C LYS A 127 -3.93 16.90 -12.96
N ALA A 128 -4.82 15.90 -12.86
CA ALA A 128 -5.75 15.89 -11.75
C ALA A 128 -5.04 15.77 -10.41
N GLU A 129 -3.90 15.08 -10.39
CA GLU A 129 -3.10 15.01 -9.18
C GLU A 129 -2.48 16.36 -8.84
N ARG A 130 -1.94 17.06 -9.84
CA ARG A 130 -1.36 18.38 -9.61
C ARG A 130 -2.40 19.36 -9.10
N ASP A 131 -3.61 19.29 -9.63
CA ASP A 131 -4.65 20.23 -9.22
C ASP A 131 -5.10 19.97 -7.79
N ALA A 132 -5.01 18.72 -7.31
CA ALA A 132 -5.35 18.44 -5.92
C ALA A 132 -4.26 18.87 -4.94
N CYS A 133 -2.98 18.81 -5.35
CA CYS A 133 -1.83 19.06 -4.49
C CYS A 133 -1.25 20.46 -4.67
N TYR A 134 -1.07 20.91 -5.92
CA TYR A 134 -0.35 22.15 -6.17
C TYR A 134 -1.26 23.37 -6.16
N GLN A 135 -2.46 23.24 -6.73
CA GLN A 135 -3.38 24.38 -6.76
C GLN A 135 -3.72 24.93 -5.37
N PRO A 136 -3.94 24.13 -4.33
CA PRO A 136 -4.16 24.75 -3.00
C PRO A 136 -2.96 25.54 -2.51
N ILE A 137 -1.74 25.12 -2.84
CA ILE A 137 -0.56 25.87 -2.41
C ILE A 137 -0.44 27.17 -3.19
N ILE A 138 -0.68 27.11 -4.51
CA ILE A 138 -0.58 28.30 -5.34
C ILE A 138 -1.65 29.31 -4.95
N LYS A 139 -2.87 28.84 -4.65
CA LYS A 139 -3.91 29.77 -4.24
C LYS A 139 -3.53 30.48 -2.94
N GLU A 140 -2.88 29.78 -2.01
CA GLU A 140 -2.50 30.43 -0.77
C GLU A 140 -1.37 31.43 -0.97
N ILE A 141 -0.49 31.17 -1.93
CA ILE A 141 0.57 32.13 -2.24
C ILE A 141 -0.04 33.39 -2.86
N LEU A 142 -0.97 33.21 -3.80
CA LEU A 142 -1.62 34.35 -4.42
C LEU A 142 -2.42 35.14 -3.40
N LYS A 143 -3.03 34.45 -2.42
CA LYS A 143 -3.79 35.13 -1.38
C LYS A 143 -2.87 35.96 -0.47
N ASN A 144 -1.70 35.44 -0.15
CA ASN A 144 -0.83 36.12 0.81
C ASN A 144 0.16 37.07 0.15
N PHE A 145 0.31 37.03 -1.16
CA PHE A 145 1.23 37.92 -1.86
C PHE A 145 0.56 38.53 -3.07
N PRO A 146 -0.56 39.23 -2.88
CA PRO A 146 -1.24 39.85 -4.02
C PRO A 146 -0.48 41.07 -4.52
N LYS A 147 -0.72 41.39 -5.80
CA LYS A 147 -0.07 42.53 -6.44
C LYS A 147 -0.47 43.87 -5.83
N GLU A 148 -1.64 43.94 -5.18
CA GLU A 148 -2.04 45.17 -4.50
C GLU A 148 -1.11 45.49 -3.32
N ARG A 149 -0.32 44.53 -2.88
CA ARG A 149 0.44 44.73 -1.66
C ARG A 149 1.93 44.46 -1.91
N TRP A 150 2.26 43.53 -2.81
CA TRP A 150 3.64 43.13 -3.05
C TRP A 150 4.03 43.29 -4.51
N ASP A 151 5.30 43.62 -4.72
CA ASP A 151 5.97 43.43 -6.00
C ASP A 151 6.41 41.97 -6.07
N PRO A 152 5.80 41.16 -6.95
CA PRO A 152 6.08 39.72 -6.89
C PRO A 152 7.54 39.37 -7.11
N SER A 153 8.23 40.13 -7.96
CA SER A 153 9.64 39.83 -8.26
C SER A 153 10.53 39.95 -7.03
N LYS A 154 10.06 40.62 -5.98
CA LYS A 154 10.81 40.74 -4.74
C LYS A 154 10.35 39.77 -3.67
N VAL A 155 9.38 38.92 -3.97
CA VAL A 155 8.91 37.90 -3.04
C VAL A 155 9.77 36.65 -3.25
N ASN A 156 10.49 36.22 -2.21
CA ASN A 156 11.40 35.08 -2.30
C ASN A 156 10.69 33.86 -1.72
N ILE A 157 10.43 32.87 -2.58
CA ILE A 157 9.72 31.66 -2.18
C ILE A 157 10.63 30.46 -2.36
N LEU A 158 10.66 29.59 -1.35
CA LEU A 158 11.51 28.41 -1.34
C LEU A 158 10.64 27.16 -1.34
N VAL A 159 10.95 26.23 -2.23
CA VAL A 159 10.23 24.96 -2.33
C VAL A 159 11.20 23.82 -2.01
N PRO A 160 11.36 23.45 -0.74
CA PRO A 160 12.30 22.36 -0.43
C PRO A 160 11.71 21.01 -0.82
N GLY A 161 12.60 20.11 -1.22
CA GLY A 161 12.17 18.84 -1.79
C GLY A 161 11.31 19.02 -3.02
N ALA A 162 11.77 19.85 -3.96
CA ALA A 162 10.97 20.22 -5.12
C ALA A 162 10.73 19.08 -6.10
N GLY A 163 11.35 17.92 -5.91
CA GLY A 163 11.07 16.79 -6.80
C GLY A 163 11.53 17.08 -8.23
N LEU A 164 10.62 16.91 -9.19
CA LEU A 164 10.96 17.23 -10.58
C LEU A 164 10.67 18.69 -10.92
N GLY A 165 10.28 19.49 -9.94
CA GLY A 165 10.31 20.93 -10.07
C GLY A 165 9.05 21.61 -10.55
N ARG A 166 7.95 20.87 -10.77
CA ARG A 166 6.78 21.48 -11.40
C ARG A 166 6.13 22.53 -10.49
N LEU A 167 6.02 22.26 -9.19
CA LEU A 167 5.39 23.25 -8.32
C LEU A 167 6.20 24.53 -8.24
N ALA A 168 7.52 24.41 -8.07
CA ALA A 168 8.37 25.59 -8.07
C ALA A 168 8.26 26.34 -9.40
N TRP A 169 8.17 25.60 -10.50
CA TRP A 169 8.00 26.22 -11.81
C TRP A 169 6.68 26.99 -11.90
N GLU A 170 5.58 26.39 -11.43
CA GLU A 170 4.30 27.08 -11.46
C GLU A 170 4.37 28.39 -10.69
N ILE A 171 5.04 28.38 -9.53
CA ILE A 171 5.15 29.57 -8.70
C ILE A 171 5.96 30.64 -9.42
N ALA A 172 7.03 30.24 -10.11
CA ALA A 172 7.82 31.21 -10.86
C ALA A 172 7.08 31.72 -12.08
N MET A 173 6.17 30.91 -12.63
CA MET A 173 5.35 31.38 -13.74
C MET A 173 4.46 32.55 -13.34
N LEU A 174 4.16 32.68 -12.05
CA LEU A 174 3.35 33.77 -11.55
C LEU A 174 4.13 35.06 -11.31
N GLY A 175 5.45 35.02 -11.43
CA GLY A 175 6.29 36.19 -11.26
C GLY A 175 7.07 36.24 -9.96
N TYR A 176 6.85 35.30 -9.07
CA TYR A 176 7.60 35.28 -7.83
C TYR A 176 9.00 34.75 -8.04
N ALA A 177 9.93 35.20 -7.21
CA ALA A 177 11.29 34.68 -7.22
C ALA A 177 11.25 33.34 -6.51
N CYS A 178 11.24 32.26 -7.27
CA CYS A 178 11.07 30.93 -6.71
C CYS A 178 12.34 30.11 -6.85
N GLN A 179 12.77 29.49 -5.76
CA GLN A 179 13.89 28.57 -5.77
C GLN A 179 13.43 27.21 -5.27
N GLY A 180 13.60 26.18 -6.10
CA GLY A 180 13.40 24.82 -5.66
C GLY A 180 14.70 24.24 -5.13
N ASN A 181 14.58 23.31 -4.20
CA ASN A 181 15.72 22.63 -3.61
C ASN A 181 15.46 21.13 -3.63
N GLU A 182 16.50 20.35 -3.87
CA GLU A 182 16.36 18.92 -3.96
C GLU A 182 17.67 18.24 -3.57
N TRP A 183 17.54 17.11 -2.90
CA TRP A 183 18.65 16.32 -2.36
CA TRP A 183 18.67 16.33 -2.36
C TRP A 183 19.00 15.11 -3.21
N SER A 184 18.01 14.49 -3.83
CA SER A 184 18.19 13.26 -4.57
C SER A 184 18.78 13.52 -5.95
N PHE A 185 19.82 12.78 -6.30
CA PHE A 185 20.35 12.87 -7.65
C PHE A 185 19.37 12.33 -8.67
N PHE A 186 18.58 11.31 -8.31
CA PHE A 186 17.51 10.86 -9.19
C PHE A 186 16.65 12.02 -9.62
N MET A 187 16.28 12.88 -8.66
CA MET A 187 15.41 14.01 -8.97
C MET A 187 16.17 15.14 -9.67
N LEU A 188 17.42 15.37 -9.28
CA LEU A 188 18.18 16.48 -9.86
C LEU A 188 18.57 16.20 -11.31
N PHE A 189 19.05 14.98 -11.61
CA PHE A 189 19.32 14.61 -13.00
C PHE A 189 18.07 14.79 -13.86
N SER A 190 16.92 14.35 -13.34
CA SER A 190 15.70 14.34 -14.13
C SER A 190 15.12 15.73 -14.27
N SER A 191 15.12 16.52 -13.19
CA SER A 191 14.62 17.89 -13.30
C SER A 191 15.55 18.75 -14.14
N ASN A 192 16.84 18.45 -14.14
CA ASN A 192 17.75 19.21 -14.99
C ASN A 192 17.42 18.97 -16.46
N PHE A 193 17.12 17.72 -16.81
CA PHE A 193 16.75 17.39 -18.18
C PHE A 193 15.46 18.09 -18.59
N VAL A 194 14.41 17.97 -17.78
CA VAL A 194 13.11 18.53 -18.17
C VAL A 194 13.18 20.06 -18.21
N LEU A 195 13.81 20.69 -17.22
CA LEU A 195 13.76 22.15 -17.13
C LEU A 195 14.72 22.85 -18.08
N ASN A 196 15.72 22.16 -18.63
CA ASN A 196 16.75 22.82 -19.43
C ASN A 196 16.98 22.20 -20.80
N ARG A 197 16.53 20.97 -21.05
CA ARG A 197 16.72 20.31 -22.33
C ARG A 197 15.40 19.95 -22.99
N CYS A 198 14.30 20.61 -22.59
CA CYS A 198 12.97 20.27 -23.09
C CYS A 198 12.22 21.54 -23.45
N SER A 199 11.72 21.59 -24.69
CA SER A 199 10.86 22.66 -25.15
C SER A 199 9.61 22.07 -25.78
N GLU A 200 9.82 21.33 -26.87
CA GLU A 200 8.75 20.70 -27.64
C GLU A 200 7.79 19.94 -26.74
N ILE A 201 6.55 20.44 -26.63
CA ILE A 201 5.54 19.78 -25.81
C ILE A 201 5.38 18.34 -26.25
N ASN A 202 5.34 17.43 -25.27
CA ASN A 202 5.04 16.01 -25.49
C ASN A 202 6.00 15.35 -26.47
N LYS A 203 7.23 15.87 -26.56
CA LYS A 203 8.24 15.26 -27.42
C LYS A 203 8.60 13.87 -26.93
N TYR A 204 8.64 13.67 -25.63
CA TYR A 204 9.22 12.47 -25.05
C TYR A 204 8.15 11.52 -24.52
N LYS A 205 8.54 10.26 -24.41
CA LYS A 205 7.64 9.18 -24.06
C LYS A 205 8.32 8.27 -23.04
N LEU A 206 7.56 7.87 -22.02
CA LEU A 206 8.01 6.91 -21.01
C LEU A 206 6.95 5.83 -20.81
N TYR A 207 7.40 4.65 -20.37
CA TYR A 207 6.51 3.55 -20.01
C TYR A 207 6.66 3.31 -18.51
N PRO A 208 5.92 4.04 -17.67
CA PRO A 208 6.18 4.00 -16.24
C PRO A 208 5.48 2.87 -15.49
N TRP A 209 4.61 2.08 -16.13
CA TRP A 209 3.89 1.04 -15.41
C TRP A 209 4.35 -0.37 -15.76
N ILE A 210 5.43 -0.52 -16.53
CA ILE A 210 5.77 -1.85 -17.01
C ILE A 210 6.22 -2.80 -15.89
N HIS A 211 6.58 -2.28 -14.73
CA HIS A 211 7.01 -3.15 -13.64
C HIS A 211 5.86 -3.64 -12.77
N GLN A 212 4.65 -3.10 -12.95
CA GLN A 212 3.47 -3.58 -12.25
C GLN A 212 2.82 -4.71 -13.06
N PHE A 213 2.97 -5.95 -12.60
CA PHE A 213 2.33 -7.10 -13.22
C PHE A 213 1.02 -7.49 -12.54
N SER A 214 0.75 -6.94 -11.35
CA SER A 214 -0.49 -7.17 -10.65
C SER A 214 -1.51 -6.11 -11.00
N ASN A 215 -2.79 -6.45 -10.80
CA ASN A 215 -3.86 -5.46 -10.76
C ASN A 215 -4.06 -4.73 -12.09
N ASN A 216 -3.86 -5.44 -13.19
CA ASN A 216 -4.09 -4.92 -14.53
C ASN A 216 -5.44 -5.40 -15.06
N ARG A 217 -6.34 -4.46 -15.40
CA ARG A 217 -7.59 -4.83 -16.06
C ARG A 217 -7.32 -5.44 -17.42
N ARG A 218 -6.41 -4.83 -18.20
CA ARG A 218 -6.09 -5.26 -19.55
C ARG A 218 -4.57 -5.30 -19.68
N SER A 219 -4.08 -6.32 -20.39
CA SER A 219 -2.65 -6.43 -20.64
C SER A 219 -2.06 -5.15 -21.23
N ALA A 220 -2.82 -4.49 -22.11
CA ALA A 220 -2.38 -3.22 -22.70
C ALA A 220 -2.10 -2.14 -21.66
N ASP A 221 -2.81 -2.15 -20.54
CA ASP A 221 -2.63 -1.07 -19.56
C ASP A 221 -1.19 -1.01 -19.06
N GLN A 222 -0.51 -2.16 -18.99
CA GLN A 222 0.82 -2.22 -18.41
C GLN A 222 1.87 -1.58 -19.32
N ILE A 223 1.71 -1.66 -20.63
CA ILE A 223 2.68 -1.13 -21.57
C ILE A 223 2.22 0.20 -22.17
N ARG A 224 1.27 0.90 -21.53
CA ARG A 224 0.83 2.12 -22.16
C ARG A 224 1.80 3.27 -21.91
N PRO A 225 1.95 4.18 -22.86
CA PRO A 225 2.90 5.30 -22.72
C PRO A 225 2.29 6.52 -22.03
N ILE A 226 3.18 7.37 -21.53
CA ILE A 226 2.84 8.72 -21.10
C ILE A 226 3.81 9.66 -21.80
N PHE A 227 3.38 10.90 -22.01
CA PHE A 227 4.18 11.84 -22.78
C PHE A 227 4.50 13.05 -21.92
N PHE A 228 5.64 13.67 -22.20
CA PHE A 228 6.05 14.83 -21.44
C PHE A 228 7.01 15.66 -22.28
N PRO A 229 7.11 16.96 -22.04
CA PRO A 229 6.33 17.70 -21.04
C PRO A 229 5.00 18.22 -21.60
N ASP A 230 3.93 18.22 -20.78
CA ASP A 230 2.65 18.74 -21.25
C ASP A 230 2.69 20.25 -21.52
N VAL A 231 3.72 20.93 -21.03
CA VAL A 231 3.84 22.37 -21.11
C VAL A 231 5.29 22.68 -21.47
N ASP A 232 5.52 23.82 -22.11
CA ASP A 232 6.87 24.21 -22.49
C ASP A 232 7.57 24.82 -21.28
N PRO A 233 8.60 24.17 -20.74
CA PRO A 233 9.26 24.72 -19.54
C PRO A 233 9.98 26.03 -19.78
N HIS A 234 10.33 26.35 -21.04
CA HIS A 234 11.01 27.60 -21.37
C HIS A 234 10.05 28.73 -21.70
N SER A 235 8.82 28.69 -21.18
CA SER A 235 7.84 29.73 -21.38
C SER A 235 7.70 30.66 -20.18
N LEU A 236 8.70 30.69 -19.29
CA LEU A 236 8.66 31.58 -18.15
C LEU A 236 8.55 33.03 -18.62
N PRO A 237 7.78 33.86 -17.92
CA PRO A 237 7.56 35.24 -18.37
C PRO A 237 8.85 36.06 -18.36
N PRO A 238 8.87 37.22 -19.02
CA PRO A 238 10.06 38.08 -18.95
C PRO A 238 10.23 38.64 -17.55
N GLY A 239 11.44 38.51 -17.02
CA GLY A 239 11.70 38.90 -15.64
C GLY A 239 11.48 37.81 -14.63
N SER A 240 11.22 36.58 -15.07
CA SER A 240 11.06 35.47 -14.14
C SER A 240 12.37 35.20 -13.41
N ASN A 241 12.26 34.56 -12.25
CA ASN A 241 13.40 34.31 -11.39
C ASN A 241 13.20 32.91 -10.83
N PHE A 242 13.71 31.92 -11.57
CA PHE A 242 13.53 30.51 -11.26
C PHE A 242 14.89 29.86 -11.14
N SER A 243 15.07 29.07 -10.08
CA SER A 243 16.35 28.42 -9.85
C SER A 243 16.12 27.16 -9.04
N MET A 244 17.16 26.31 -9.02
CA MET A 244 17.10 25.01 -8.35
C MET A 244 18.45 24.73 -7.73
N THR A 245 18.46 24.38 -6.43
CA THR A 245 19.71 24.09 -5.73
C THR A 245 19.77 22.60 -5.40
N ALA A 246 20.99 22.10 -5.26
CA ALA A 246 21.25 20.70 -5.02
C ALA A 246 21.78 20.53 -3.60
N GLY A 247 21.12 19.70 -2.81
CA GLY A 247 21.66 19.44 -1.50
C GLY A 247 20.66 19.40 -0.37
N ASP A 248 21.14 18.99 0.80
CA ASP A 248 20.32 18.92 1.99
C ASP A 248 19.79 20.30 2.36
N PHE A 249 18.48 20.45 2.24
CA PHE A 249 17.73 21.62 2.65
C PHE A 249 18.20 22.17 3.99
N GLN A 250 18.45 21.29 4.96
CA GLN A 250 18.83 21.76 6.28
C GLN A 250 20.27 22.25 6.36
N GLU A 251 21.09 21.97 5.36
CA GLU A 251 22.47 22.43 5.33
C GLU A 251 22.68 23.61 4.41
N ILE A 252 21.99 23.64 3.27
CA ILE A 252 22.14 24.72 2.31
C ILE A 252 21.60 26.05 2.85
N TYR A 253 20.53 26.01 3.63
CA TYR A 253 19.82 27.24 3.97
C TYR A 253 20.15 27.62 5.42
N SER A 254 21.25 28.36 5.56
CA SER A 254 21.71 28.80 6.87
C SER A 254 21.39 30.26 7.18
N GLU A 255 21.07 31.07 6.17
CA GLU A 255 20.82 32.49 6.40
C GLU A 255 19.44 32.69 7.04
N CYS A 256 19.43 33.21 8.27
CA CYS A 256 18.17 33.52 8.94
C CYS A 256 17.43 34.64 8.23
N ASN A 257 16.11 34.69 8.48
CA ASN A 257 15.26 35.83 8.11
C ASN A 257 15.40 36.21 6.63
N THR A 258 15.43 35.19 5.77
CA THR A 258 15.68 35.39 4.35
C THR A 258 14.44 35.24 3.48
N TRP A 259 13.56 34.31 3.79
CA TRP A 259 12.52 33.88 2.86
C TRP A 259 11.17 34.48 3.23
N ASP A 260 10.43 34.90 2.20
CA ASP A 260 9.06 35.35 2.37
C ASP A 260 8.12 34.17 2.60
N CYS A 261 8.40 33.06 1.94
CA CYS A 261 7.45 31.96 1.93
C CYS A 261 8.20 30.66 1.69
N ILE A 262 7.83 29.63 2.44
CA ILE A 262 8.33 28.28 2.21
C ILE A 262 7.13 27.39 1.96
N ALA A 263 7.17 26.66 0.85
CA ALA A 263 6.06 25.83 0.39
C ALA A 263 6.54 24.38 0.40
N THR A 264 6.04 23.59 1.34
CA THR A 264 6.40 22.18 1.44
C THR A 264 5.23 21.31 0.98
N CYS A 265 5.51 20.43 0.01
CA CYS A 265 4.49 19.55 -0.55
C CYS A 265 5.00 18.13 -0.50
N PHE A 266 4.29 17.26 0.23
CA PHE A 266 4.73 15.88 0.47
C PHE A 266 6.18 15.82 0.90
N PHE A 267 6.55 16.71 1.83
CA PHE A 267 7.95 16.88 2.17
C PHE A 267 8.30 16.62 3.63
N ILE A 268 7.51 17.10 4.60
CA ILE A 268 8.03 17.10 5.97
C ILE A 268 8.10 15.71 6.57
N ASP A 269 7.39 14.74 6.01
CA ASP A 269 7.52 13.37 6.50
C ASP A 269 8.77 12.67 5.94
N THR A 270 9.59 13.35 5.13
CA THR A 270 10.90 12.80 4.75
C THR A 270 11.98 13.00 5.83
N ALA A 271 11.65 13.65 6.94
CA ALA A 271 12.65 14.00 7.95
C ALA A 271 12.94 12.83 8.87
N HIS A 272 14.23 12.62 9.16
CA HIS A 272 14.59 11.83 10.34
C HIS A 272 13.89 12.38 11.56
N ASN A 273 13.84 13.70 11.69
CA ASN A 273 13.25 14.36 12.86
C ASN A 273 12.58 15.65 12.38
N VAL A 274 11.26 15.59 12.22
CA VAL A 274 10.50 16.70 11.66
C VAL A 274 10.61 17.95 12.52
N ILE A 275 10.96 17.81 13.80
CA ILE A 275 11.15 19.02 14.61
C ILE A 275 12.32 19.85 14.08
N ASP A 276 13.37 19.21 13.56
CA ASP A 276 14.46 19.95 12.95
C ASP A 276 14.00 20.70 11.69
N TYR A 277 13.15 20.06 10.87
CA TYR A 277 12.62 20.76 9.70
C TYR A 277 11.88 22.02 10.12
N ILE A 278 11.02 21.89 11.15
CA ILE A 278 10.28 23.03 11.67
C ILE A 278 11.23 24.10 12.20
N ASP A 279 12.30 23.67 12.88
CA ASP A 279 13.28 24.63 13.36
C ASP A 279 13.92 25.39 12.21
N THR A 280 14.30 24.68 11.13
CA THR A 280 14.95 25.34 10.01
C THR A 280 14.02 26.32 9.32
N ILE A 281 12.76 25.92 9.15
CA ILE A 281 11.78 26.79 8.50
C ILE A 281 11.56 28.06 9.32
N TRP A 282 11.47 27.92 10.65
CA TRP A 282 11.37 29.11 11.49
C TRP A 282 12.58 30.01 11.34
N LYS A 283 13.79 29.44 11.33
CA LYS A 283 15.00 30.26 11.29
C LYS A 283 15.07 31.08 10.01
N ILE A 284 14.79 30.47 8.86
CA ILE A 284 15.09 31.13 7.59
C ILE A 284 13.93 31.96 7.05
N LEU A 285 12.73 31.84 7.62
CA LEU A 285 11.65 32.75 7.27
C LEU A 285 11.93 34.16 7.79
N LYS A 286 11.58 35.16 6.98
CA LYS A 286 11.53 36.53 7.45
C LYS A 286 10.43 36.67 8.50
N PRO A 287 10.59 37.57 9.46
CA PRO A 287 9.45 37.98 10.28
C PRO A 287 8.31 38.42 9.37
N GLY A 288 7.11 37.91 9.65
CA GLY A 288 5.97 38.10 8.78
C GLY A 288 5.84 37.08 7.67
N GLY A 289 6.87 36.25 7.41
CA GLY A 289 6.79 35.28 6.35
C GLY A 289 5.93 34.08 6.71
N ILE A 290 5.60 33.28 5.70
CA ILE A 290 4.65 32.19 5.87
C ILE A 290 5.22 30.88 5.34
N TRP A 291 4.84 29.81 6.03
CA TRP A 291 5.13 28.44 5.67
C TRP A 291 3.82 27.80 5.28
N ILE A 292 3.73 27.31 4.04
CA ILE A 292 2.56 26.59 3.54
C ILE A 292 2.92 25.12 3.41
N ASN A 293 2.10 24.26 4.02
CA ASN A 293 2.36 22.83 3.98
C ASN A 293 1.13 22.08 3.50
N LEU A 294 1.36 21.11 2.62
CA LEU A 294 0.34 20.16 2.20
C LEU A 294 0.98 18.80 2.08
N GLY A 295 0.42 17.81 2.78
CA GLY A 295 0.94 16.48 2.68
C GLY A 295 0.40 15.56 3.76
N PRO A 296 0.80 14.31 3.69
CA PRO A 296 0.45 13.35 4.74
C PRO A 296 1.59 13.21 5.75
N LEU A 297 1.62 12.11 6.50
CA LEU A 297 2.65 11.88 7.50
C LEU A 297 3.16 10.44 7.37
N LEU A 298 3.70 10.15 6.18
CA LEU A 298 4.27 8.84 5.89
C LEU A 298 5.76 8.98 6.17
N TYR A 299 6.16 8.67 7.40
CA TYR A 299 7.54 8.95 7.81
C TYR A 299 8.47 7.98 7.09
N HIS A 300 9.40 8.56 6.32
CA HIS A 300 10.19 7.78 5.37
C HIS A 300 11.21 6.87 6.04
N PHE A 301 11.63 7.17 7.26
CA PHE A 301 12.59 6.32 7.94
C PHE A 301 11.97 5.44 9.02
N GLU A 302 10.64 5.36 9.07
CA GLU A 302 9.97 4.58 10.10
C GLU A 302 10.38 3.12 10.03
N ASN A 303 10.72 2.56 11.19
CA ASN A 303 11.11 1.16 11.33
C ASN A 303 12.03 0.73 10.18
N LEU A 304 12.95 1.61 9.82
CA LEU A 304 14.01 1.30 8.87
C LEU A 304 15.28 1.07 9.68
N ALA A 305 16.08 0.10 9.23
CA ALA A 305 17.15 -0.45 10.06
C ALA A 305 18.21 0.60 10.39
N ASN A 306 18.38 0.87 11.69
CA ASN A 306 19.42 1.77 12.18
C ASN A 306 19.27 3.18 11.58
N GLU A 307 18.07 3.74 11.70
CA GLU A 307 17.80 5.08 11.20
C GLU A 307 16.97 5.85 12.23
N LEU A 308 17.38 7.07 12.54
CA LEU A 308 16.58 7.90 13.41
C LEU A 308 15.27 8.25 12.71
N SER A 309 14.17 8.09 13.44
CA SER A 309 12.86 8.47 12.94
C SER A 309 11.96 8.82 14.12
N ILE A 310 11.48 10.06 14.14
CA ILE A 310 10.53 10.51 15.14
C ILE A 310 9.19 10.64 14.43
N GLU A 311 8.25 9.76 14.75
CA GLU A 311 6.93 9.78 14.13
C GLU A 311 5.96 10.52 15.04
N LEU A 312 5.48 11.67 14.59
CA LEU A 312 4.53 12.47 15.35
C LEU A 312 3.16 12.43 14.68
N SER A 313 2.11 12.34 15.49
CA SER A 313 0.76 12.56 14.98
C SER A 313 0.64 14.01 14.52
N TYR A 314 -0.38 14.27 13.70
CA TYR A 314 -0.57 15.63 13.23
C TYR A 314 -0.86 16.56 14.40
N GLU A 315 -1.62 16.09 15.38
CA GLU A 315 -1.87 16.86 16.59
C GLU A 315 -0.56 17.26 17.29
N ASP A 316 0.45 16.37 17.29
CA ASP A 316 1.73 16.72 17.91
C ASP A 316 2.50 17.73 17.08
N ILE A 317 2.47 17.60 15.76
CA ILE A 317 3.11 18.58 14.89
C ILE A 317 2.49 19.96 15.10
N LYS A 318 1.16 20.05 15.19
CA LYS A 318 0.52 21.33 15.45
C LYS A 318 0.96 21.90 16.80
N ASN A 319 1.13 21.04 17.82
CA ASN A 319 1.55 21.57 19.11
C ASN A 319 2.99 22.06 19.10
N VAL A 320 3.86 21.42 18.31
CA VAL A 320 5.21 21.94 18.16
C VAL A 320 5.18 23.29 17.44
N VAL A 321 4.39 23.38 16.37
CA VAL A 321 4.31 24.61 15.59
C VAL A 321 3.81 25.76 16.47
N LEU A 322 2.78 25.52 17.26
CA LEU A 322 2.27 26.57 18.14
C LEU A 322 3.32 26.97 19.18
N GLN A 323 4.00 26.00 19.78
CA GLN A 323 4.99 26.35 20.79
C GLN A 323 6.16 27.12 20.20
N TYR A 324 6.42 26.94 18.90
CA TYR A 324 7.51 27.68 18.27
C TYR A 324 7.17 29.15 18.14
N GLY A 325 5.88 29.48 18.08
CA GLY A 325 5.43 30.85 17.95
C GLY A 325 4.69 31.14 16.65
N PHE A 326 4.68 30.21 15.69
CA PHE A 326 3.88 30.40 14.48
C PHE A 326 2.43 30.69 14.84
N LYS A 327 1.79 31.59 14.10
CA LYS A 327 0.36 31.80 14.18
C LYS A 327 -0.32 31.02 13.08
N VAL A 328 -1.37 30.27 13.43
CA VAL A 328 -2.08 29.47 12.45
C VAL A 328 -3.08 30.34 11.70
N GLU A 329 -2.93 30.42 10.39
CA GLU A 329 -3.84 31.22 9.58
C GLU A 329 -4.79 30.37 8.74
N VAL A 330 -4.35 29.20 8.28
CA VAL A 330 -5.18 28.27 7.53
C VAL A 330 -4.93 26.86 8.03
N GLU A 331 -5.99 26.10 8.21
CA GLU A 331 -5.84 24.69 8.55
C GLU A 331 -7.03 23.94 7.97
N LYS A 332 -6.75 23.06 7.01
CA LYS A 332 -7.72 22.13 6.43
C LYS A 332 -7.14 20.73 6.59
N GLU A 333 -7.89 19.84 7.21
CA GLU A 333 -7.54 18.43 7.16
C GLU A 333 -8.41 17.74 6.10
N SER A 334 -8.01 16.52 5.76
CA SER A 334 -8.73 15.73 4.76
C SER A 334 -8.76 16.41 3.40
N VAL A 335 -7.59 16.85 2.92
CA VAL A 335 -7.42 17.21 1.52
C VAL A 335 -7.07 15.94 0.75
N LEU A 336 -8.01 15.44 -0.04
CA LEU A 336 -7.78 14.20 -0.78
C LEU A 336 -6.80 14.41 -1.94
N SER A 337 -5.78 13.56 -2.01
CA SER A 337 -4.94 13.53 -3.21
C SER A 337 -4.30 12.17 -3.33
N THR A 338 -3.77 11.92 -4.51
CA THR A 338 -3.02 10.72 -4.80
C THR A 338 -1.58 11.13 -5.04
N TYR A 339 -0.72 10.14 -5.25
CA TYR A 339 0.69 10.41 -5.53
C TYR A 339 1.19 9.34 -6.49
N THR A 340 1.56 9.74 -7.70
CA THR A 340 1.96 8.84 -8.78
C THR A 340 0.98 7.66 -8.91
N VAL A 341 -0.31 7.98 -8.95
CA VAL A 341 -1.31 6.93 -9.06
C VAL A 341 -1.39 6.45 -10.49
N ASN A 342 -1.56 5.13 -10.64
CA ASN A 342 -1.89 4.51 -11.91
C ASN A 342 -3.42 4.44 -11.97
N ASP A 343 -4.02 5.32 -12.78
CA ASP A 343 -5.47 5.46 -12.84
C ASP A 343 -6.17 4.19 -13.29
N LEU A 344 -5.53 3.37 -14.12
CA LEU A 344 -6.17 2.17 -14.60
C LEU A 344 -6.00 0.98 -13.67
N SER A 345 -5.25 1.13 -12.58
CA SER A 345 -4.92 0.00 -11.73
C SER A 345 -6.13 -0.44 -10.91
N MET A 346 -6.22 -1.74 -10.67
CA MET A 346 -7.24 -2.27 -9.78
C MET A 346 -6.91 -2.06 -8.30
N MET A 347 -5.77 -1.44 -7.97
CA MET A 347 -5.42 -1.11 -6.60
C MET A 347 -4.82 0.29 -6.58
N LYS A 348 -5.35 1.16 -5.72
CA LYS A 348 -4.88 2.54 -5.65
C LYS A 348 -4.77 3.03 -4.20
N TYR A 349 -3.82 3.94 -3.98
CA TYR A 349 -3.62 4.63 -2.71
C TYR A 349 -4.14 6.05 -2.82
N TYR A 350 -4.71 6.56 -1.74
CA TYR A 350 -4.96 7.98 -1.65
C TYR A 350 -4.58 8.47 -0.26
N TYR A 351 -4.45 9.77 -0.14
CA TYR A 351 -4.06 10.42 1.10
C TYR A 351 -5.12 11.40 1.53
N GLU A 352 -5.31 11.49 2.85
CA GLU A 352 -6.09 12.57 3.45
C GLU A 352 -5.08 13.54 4.03
N CYS A 353 -4.58 14.42 3.17
CA CYS A 353 -3.53 15.35 3.54
C CYS A 353 -4.04 16.44 4.46
N VAL A 354 -3.12 17.03 5.18
CA VAL A 354 -3.40 18.24 5.92
C VAL A 354 -2.80 19.42 5.14
N LEU A 355 -3.57 20.50 5.02
CA LEU A 355 -3.06 21.76 4.46
C LEU A 355 -3.08 22.81 5.56
N PHE A 356 -1.94 23.43 5.82
CA PHE A 356 -1.95 24.56 6.76
C PHE A 356 -1.03 25.67 6.27
N VAL A 357 -1.36 26.89 6.70
CA VAL A 357 -0.56 28.09 6.48
C VAL A 357 -0.31 28.71 7.84
N VAL A 358 0.95 28.84 8.22
CA VAL A 358 1.33 29.43 9.49
C VAL A 358 2.25 30.60 9.19
N ARG A 359 2.21 31.60 10.07
CA ARG A 359 2.94 32.84 9.87
C ARG A 359 3.92 33.05 11.01
N LYS A 360 5.17 33.32 10.66
CA LYS A 360 6.15 33.75 11.65
C LYS A 360 5.83 35.18 12.08
N PRO A 361 5.55 35.42 13.36
CA PRO A 361 5.06 36.75 13.75
C PRO A 361 6.11 37.82 13.48
N GLN A 362 5.63 38.95 12.95
CA GLN A 362 6.49 40.07 12.64
C GLN A 362 6.76 40.87 13.90
N GLU B 9 4.53 -39.65 4.64
CA GLU B 9 4.69 -39.51 6.09
C GLU B 9 5.51 -38.26 6.42
N GLU B 10 6.10 -37.65 5.39
CA GLU B 10 6.90 -36.44 5.60
C GLU B 10 6.03 -35.20 5.78
N GLU B 11 4.88 -35.13 5.10
CA GLU B 11 3.94 -34.05 5.35
C GLU B 11 3.48 -34.05 6.81
N GLU B 12 3.39 -35.23 7.43
CA GLU B 12 2.95 -35.34 8.81
C GLU B 12 3.87 -34.57 9.76
N ARG B 13 5.16 -34.47 9.42
CA ARG B 13 6.13 -33.81 10.28
C ARG B 13 6.41 -32.37 9.88
N LEU B 14 6.41 -32.04 8.59
CA LEU B 14 6.59 -30.65 8.18
C LEU B 14 5.40 -29.81 8.56
N GLU B 15 4.21 -30.42 8.66
CA GLU B 15 3.04 -29.69 9.13
C GLU B 15 3.12 -29.47 10.63
N ARG B 16 3.52 -30.51 11.38
CA ARG B 16 3.77 -30.36 12.81
C ARG B 16 4.80 -29.27 13.08
N GLU B 17 5.91 -29.29 12.34
CA GLU B 17 6.93 -28.25 12.50
C GLU B 17 6.34 -26.87 12.22
N HIS B 18 5.46 -26.77 11.22
CA HIS B 18 4.84 -25.51 10.89
C HIS B 18 3.86 -25.05 11.97
N PHE B 19 3.09 -25.99 12.54
CA PHE B 19 2.14 -25.70 13.60
C PHE B 19 2.81 -25.03 14.80
N TRP B 20 3.90 -25.61 15.31
CA TRP B 20 4.57 -25.04 16.47
C TRP B 20 5.28 -23.75 16.11
N LYS B 21 5.74 -23.62 14.85
CA LYS B 21 6.28 -22.33 14.42
C LYS B 21 5.24 -21.23 14.53
N ILE B 22 3.98 -21.53 14.21
CA ILE B 22 2.96 -20.49 14.29
C ILE B 22 2.57 -20.22 15.73
N ILE B 23 2.48 -21.29 16.56
CA ILE B 23 2.25 -21.09 17.99
C ILE B 23 3.31 -20.17 18.57
N ASN B 24 4.58 -20.49 18.30
CA ASN B 24 5.68 -19.68 18.82
C ASN B 24 5.58 -18.22 18.36
N ALA B 25 5.10 -17.99 17.14
CA ALA B 25 4.95 -16.62 16.67
C ALA B 25 3.88 -15.87 17.45
N PHE B 26 2.73 -16.53 17.73
CA PHE B 26 1.70 -15.91 18.57
C PHE B 26 2.27 -15.52 19.94
N ARG B 27 3.12 -16.38 20.52
CA ARG B 27 3.70 -16.13 21.83
CA ARG B 27 3.66 -16.11 21.84
C ARG B 27 4.76 -15.03 21.82
N TYR B 28 5.29 -14.70 20.64
CA TYR B 28 6.39 -13.77 20.54
C TYR B 28 5.94 -12.34 20.26
N TYR B 29 4.64 -12.14 20.03
CA TYR B 29 4.10 -10.84 19.68
C TYR B 29 4.54 -9.74 20.64
N GLY B 30 4.37 -9.96 21.94
CA GLY B 30 4.65 -8.93 22.92
C GLY B 30 6.13 -8.54 22.95
N THR B 31 7.01 -9.55 22.94
CA THR B 31 8.44 -9.27 22.85
C THR B 31 8.73 -8.37 21.67
N SER B 32 8.22 -8.75 20.49
CA SER B 32 8.48 -8.02 19.26
C SER B 32 7.97 -6.59 19.32
N MET B 33 6.69 -6.41 19.66
CA MET B 33 6.13 -5.07 19.67
C MET B 33 6.78 -4.19 20.73
N HIS B 34 7.08 -4.76 21.90
CA HIS B 34 7.72 -3.97 22.95
C HIS B 34 9.11 -3.51 22.55
N GLU B 35 9.81 -4.29 21.72
CA GLU B 35 11.10 -3.85 21.23
C GLU B 35 10.95 -2.63 20.33
N ARG B 36 9.96 -2.65 19.44
CA ARG B 36 9.69 -1.51 18.57
C ARG B 36 9.42 -0.25 19.38
N VAL B 37 8.61 -0.36 20.43
CA VAL B 37 8.31 0.80 21.26
C VAL B 37 9.53 1.23 22.04
N ASN B 38 10.34 0.27 22.52
CA ASN B 38 11.57 0.65 23.20
C ASN B 38 12.54 1.36 22.27
N ARG B 39 12.53 1.02 20.98
CA ARG B 39 13.33 1.77 20.03
C ARG B 39 12.82 3.19 19.89
N THR B 40 11.50 3.37 19.84
CA THR B 40 10.93 4.71 19.75
C THR B 40 11.32 5.55 20.96
N GLU B 41 11.25 4.97 22.16
CA GLU B 41 11.61 5.71 23.37
C GLU B 41 13.08 6.08 23.37
N ARG B 42 13.96 5.13 23.02
CA ARG B 42 15.38 5.40 22.96
C ARG B 42 15.70 6.55 21.99
N GLN B 43 15.06 6.55 20.81
CA GLN B 43 15.31 7.61 19.85
C GLN B 43 14.80 8.95 20.36
N PHE B 44 13.63 8.96 21.00
CA PHE B 44 13.11 10.18 21.62
C PHE B 44 14.06 10.68 22.71
N ARG B 45 14.52 9.78 23.59
CA ARG B 45 15.39 10.19 24.68
C ARG B 45 16.77 10.66 24.20
N SER B 46 17.11 10.46 22.93
CA SER B 46 18.39 10.96 22.44
C SER B 46 18.28 12.32 21.74
N LEU B 47 17.07 12.84 21.57
CA LEU B 47 16.88 14.20 21.08
C LEU B 47 17.40 15.20 22.12
N PRO B 48 17.69 16.43 21.70
CA PRO B 48 18.01 17.47 22.69
C PRO B 48 16.87 17.59 23.70
N ALA B 49 17.25 17.82 24.96
CA ALA B 49 16.25 17.93 26.03
C ALA B 49 15.17 18.97 25.71
N ASN B 50 15.54 20.06 25.02
CA ASN B 50 14.56 21.11 24.77
C ASN B 50 13.49 20.66 23.78
N GLN B 51 13.84 19.75 22.86
CA GLN B 51 12.82 19.20 21.97
C GLN B 51 11.92 18.22 22.72
N GLN B 52 12.50 17.43 23.63
CA GLN B 52 11.67 16.51 24.40
C GLN B 52 10.64 17.27 25.22
N LYS B 53 11.01 18.46 25.72
CA LYS B 53 10.07 19.26 26.51
C LYS B 53 8.94 19.84 25.66
N LEU B 54 9.05 19.82 24.33
CA LEU B 54 7.94 20.25 23.50
C LEU B 54 6.82 19.24 23.47
N LEU B 55 7.07 17.99 23.87
CA LEU B 55 6.09 16.91 23.81
C LEU B 55 6.00 16.25 25.18
N PRO B 56 5.39 16.93 26.16
CA PRO B 56 5.35 16.37 27.51
C PRO B 56 4.45 15.15 27.66
N GLN B 57 3.67 14.78 26.66
CA GLN B 57 2.83 13.59 26.74
C GLN B 57 3.41 12.40 25.98
N PHE B 58 4.56 12.57 25.32
CA PHE B 58 5.06 11.54 24.41
C PHE B 58 5.36 10.24 25.16
N LEU B 59 6.09 10.31 26.28
CA LEU B 59 6.44 9.09 26.99
C LEU B 59 5.21 8.43 27.61
N LEU B 60 4.23 9.21 28.07
CA LEU B 60 3.01 8.60 28.58
C LEU B 60 2.24 7.90 27.48
N HIS B 61 2.28 8.45 26.26
CA HIS B 61 1.60 7.80 25.14
C HIS B 61 2.24 6.45 24.81
N LEU B 62 3.57 6.38 24.84
CA LEU B 62 4.24 5.10 24.69
C LEU B 62 3.77 4.10 25.74
N ASP B 63 3.51 4.57 26.97
CA ASP B 63 3.02 3.67 28.01
C ASP B 63 1.63 3.14 27.67
N LYS B 64 0.77 3.98 27.09
CA LYS B 64 -0.54 3.48 26.68
C LYS B 64 -0.40 2.45 25.58
N ILE B 65 0.50 2.70 24.61
CA ILE B 65 0.75 1.70 23.59
C ILE B 65 1.23 0.40 24.21
N ARG B 66 2.12 0.47 25.21
CA ARG B 66 2.60 -0.75 25.84
C ARG B 66 1.47 -1.53 26.50
N LYS B 67 0.50 -0.82 27.11
CA LYS B 67 -0.67 -1.53 27.65
C LYS B 67 -1.49 -2.20 26.54
N CYS B 68 -1.63 -1.55 25.38
CA CYS B 68 -2.35 -2.17 24.29
C CYS B 68 -1.64 -3.42 23.79
N ILE B 69 -0.30 -3.36 23.73
CA ILE B 69 0.49 -4.51 23.32
C ILE B 69 0.22 -5.69 24.25
N ASP B 70 0.27 -5.46 25.57
CA ASP B 70 -0.02 -6.52 26.52
C ASP B 70 -1.43 -7.06 26.35
N HIS B 71 -2.40 -6.18 26.11
CA HIS B 71 -3.76 -6.67 25.90
C HIS B 71 -3.84 -7.54 24.63
N ASN B 72 -3.28 -7.04 23.52
CA ASN B 72 -3.20 -7.87 22.32
C ASN B 72 -2.52 -9.20 22.60
N GLN B 73 -1.42 -9.19 23.36
CA GLN B 73 -0.73 -10.44 23.65
C GLN B 73 -1.63 -11.40 24.41
N GLU B 74 -2.48 -10.86 25.29
CA GLU B 74 -3.41 -11.68 26.06
C GLU B 74 -4.43 -12.37 25.15
N ILE B 75 -4.98 -11.63 24.18
CA ILE B 75 -5.89 -12.23 23.20
C ILE B 75 -5.18 -13.34 22.42
N LEU B 76 -3.94 -13.08 21.98
CA LEU B 76 -3.21 -14.08 21.22
C LEU B 76 -2.90 -15.32 22.07
N LEU B 77 -2.60 -15.14 23.36
CA LEU B 77 -2.38 -16.29 24.23
C LEU B 77 -3.66 -17.08 24.48
N THR B 78 -4.82 -16.42 24.43
CA THR B 78 -6.09 -17.12 24.55
C THR B 78 -6.36 -17.97 23.31
N ILE B 79 -6.06 -17.43 22.13
CA ILE B 79 -6.15 -18.20 20.90
C ILE B 79 -5.23 -19.42 20.97
N VAL B 80 -3.97 -19.21 21.38
CA VAL B 80 -3.03 -20.32 21.54
C VAL B 80 -3.59 -21.37 22.48
N ASN B 81 -4.07 -20.95 23.64
CA ASN B 81 -4.54 -21.89 24.65
C ASN B 81 -5.71 -22.73 24.12
N ASP B 82 -6.54 -22.12 23.29
CA ASP B 82 -7.67 -22.83 22.75
C ASP B 82 -7.26 -23.87 21.72
N CYS B 83 -6.27 -23.58 20.89
CA CYS B 83 -5.95 -24.51 19.81
C CYS B 83 -4.94 -25.58 20.22
N ILE B 84 -4.12 -25.33 21.26
CA ILE B 84 -3.26 -26.37 21.81
C ILE B 84 -4.07 -27.51 22.42
N HIS B 85 -5.20 -27.19 23.07
CA HIS B 85 -6.05 -28.20 23.71
C HIS B 85 -7.24 -28.58 22.84
N MET B 86 -7.07 -28.55 21.52
CA MET B 86 -8.08 -29.04 20.58
C MET B 86 -7.71 -30.46 20.17
N PHE B 87 -8.66 -31.38 20.30
CA PHE B 87 -8.39 -32.80 20.05
C PHE B 87 -7.76 -33.02 18.67
N GLU B 88 -8.25 -32.30 17.65
CA GLU B 88 -7.76 -32.49 16.29
C GLU B 88 -6.27 -32.25 16.17
N ASN B 89 -5.67 -31.47 17.07
CA ASN B 89 -4.26 -31.10 17.01
C ASN B 89 -3.38 -31.97 17.89
N LYS B 90 -3.92 -33.08 18.44
CA LYS B 90 -3.08 -33.98 19.24
C LYS B 90 -2.04 -34.69 18.39
N GLU B 91 -2.31 -34.86 17.09
CA GLU B 91 -1.33 -35.39 16.15
C GLU B 91 -0.07 -34.52 16.06
N TYR B 92 -0.10 -33.30 16.59
CA TYR B 92 1.03 -32.38 16.51
C TYR B 92 1.96 -32.46 17.71
N GLY B 93 1.52 -33.04 18.82
CA GLY B 93 2.43 -33.39 19.89
C GLY B 93 2.44 -32.49 21.11
N GLU B 94 3.62 -31.97 21.46
CA GLU B 94 3.80 -31.25 22.71
C GLU B 94 4.93 -30.21 22.62
N GLY B 98 10.70 -28.72 21.91
CA GLY B 98 11.55 -28.30 23.00
C GLY B 98 12.50 -27.16 22.64
N LYS B 99 12.02 -26.22 21.81
CA LYS B 99 12.81 -25.08 21.37
C LYS B 99 12.04 -23.79 21.62
N ILE B 100 12.79 -22.74 21.96
CA ILE B 100 12.22 -21.41 22.14
C ILE B 100 12.95 -20.44 21.23
N MET B 101 12.62 -20.45 19.94
CA MET B 101 13.23 -19.57 18.97
C MET B 101 12.48 -18.24 18.94
N PRO B 102 13.14 -17.15 18.54
CA PRO B 102 12.40 -15.95 18.19
C PRO B 102 11.74 -16.10 16.83
N ALA B 103 10.58 -15.48 16.69
CA ALA B 103 9.84 -15.61 15.45
C ALA B 103 10.38 -14.65 14.39
N SER B 104 10.08 -14.96 13.14
CA SER B 104 10.59 -14.18 12.02
C SER B 104 9.81 -12.89 11.83
N THR B 105 10.42 -11.96 11.11
CA THR B 105 9.73 -10.72 10.75
C THR B 105 8.49 -11.03 9.89
N PHE B 106 8.63 -12.00 8.98
CA PHE B 106 7.52 -12.38 8.12
C PHE B 106 6.31 -12.82 8.94
N ASP B 107 6.54 -13.60 10.01
CA ASP B 107 5.44 -14.08 10.82
C ASP B 107 4.86 -12.97 11.70
N MET B 108 5.71 -12.05 12.20
CA MET B 108 5.18 -10.89 12.91
C MET B 108 4.29 -10.05 12.00
N ASP B 109 4.68 -9.89 10.73
CA ASP B 109 3.82 -9.19 9.78
C ASP B 109 2.49 -9.92 9.61
N LYS B 110 2.52 -11.26 9.54
CA LYS B 110 1.28 -12.02 9.41
C LYS B 110 0.42 -11.89 10.66
N LEU B 111 1.03 -11.83 11.85
CA LEU B 111 0.27 -11.60 13.07
C LEU B 111 -0.44 -10.25 13.04
N LYS B 112 0.25 -9.19 12.61
CA LYS B 112 -0.38 -7.89 12.56
C LYS B 112 -1.55 -7.89 11.58
N SER B 113 -1.39 -8.55 10.43
CA SER B 113 -2.52 -8.66 9.49
C SER B 113 -3.66 -9.44 10.10
N THR B 114 -3.33 -10.49 10.89
CA THR B 114 -4.38 -11.31 11.49
C THR B 114 -5.22 -10.50 12.47
N LEU B 115 -4.59 -9.63 13.27
CA LEU B 115 -5.37 -8.78 14.17
C LEU B 115 -6.30 -7.87 13.37
N LYS B 116 -5.83 -7.32 12.24
CA LYS B 116 -6.69 -6.45 11.45
C LYS B 116 -7.87 -7.22 10.86
N GLN B 117 -7.70 -8.50 10.49
CA GLN B 117 -8.82 -9.28 9.95
C GLN B 117 -9.99 -9.34 10.92
N PHE B 118 -9.73 -9.33 12.23
CA PHE B 118 -10.83 -9.34 13.19
C PHE B 118 -11.75 -8.15 12.97
N VAL B 119 -11.18 -6.99 12.59
CA VAL B 119 -12.00 -5.82 12.27
C VAL B 119 -12.90 -6.11 11.07
N ARG B 120 -12.30 -6.57 9.98
CA ARG B 120 -13.07 -6.85 8.77
C ARG B 120 -14.17 -7.87 9.02
N ASP B 121 -13.89 -8.95 9.74
CA ASP B 121 -14.82 -10.06 9.78
C ASP B 121 -15.74 -10.11 11.00
N TRP B 122 -15.35 -9.51 12.13
CA TRP B 122 -16.14 -9.79 13.32
C TRP B 122 -16.41 -8.57 14.18
N SER B 123 -16.20 -7.38 13.64
CA SER B 123 -16.42 -6.16 14.40
C SER B 123 -17.40 -5.28 13.65
N GLU B 124 -18.21 -4.54 14.41
CA GLU B 124 -19.07 -3.52 13.83
C GLU B 124 -18.26 -2.49 13.02
N THR B 125 -17.03 -2.21 13.44
CA THR B 125 -16.15 -1.31 12.71
C THR B 125 -15.98 -1.73 11.25
N GLY B 126 -16.09 -3.03 10.96
CA GLY B 126 -15.90 -3.55 9.62
C GLY B 126 -17.15 -3.71 8.81
N LYS B 127 -18.30 -3.27 9.32
CA LYS B 127 -19.57 -3.53 8.64
C LYS B 127 -19.59 -2.93 7.23
N ALA B 128 -19.15 -1.67 7.08
CA ALA B 128 -19.11 -1.03 5.77
C ALA B 128 -18.28 -1.82 4.76
N GLU B 129 -17.14 -2.34 5.21
CA GLU B 129 -16.28 -3.12 4.32
C GLU B 129 -16.94 -4.45 3.94
N ARG B 130 -17.55 -5.14 4.91
CA ARG B 130 -18.27 -6.38 4.59
C ARG B 130 -19.40 -6.13 3.60
N ASP B 131 -20.12 -5.03 3.77
CA ASP B 131 -21.27 -4.81 2.90
C ASP B 131 -20.82 -4.58 1.46
N ALA B 132 -19.60 -4.11 1.25
CA ALA B 132 -19.15 -3.90 -0.12
C ALA B 132 -18.65 -5.18 -0.77
N CYS B 133 -18.03 -6.08 0.00
CA CYS B 133 -17.47 -7.32 -0.54
C CYS B 133 -18.41 -8.52 -0.42
N TYR B 134 -19.07 -8.67 0.72
CA TYR B 134 -19.82 -9.90 0.99
C TYR B 134 -21.26 -9.82 0.50
N GLN B 135 -21.91 -8.66 0.62
CA GLN B 135 -23.27 -8.54 0.12
C GLN B 135 -23.40 -8.84 -1.37
N PRO B 136 -22.51 -8.37 -2.26
CA PRO B 136 -22.68 -8.72 -3.67
C PRO B 136 -22.61 -10.21 -3.92
N ILE B 137 -21.72 -10.91 -3.21
CA ILE B 137 -21.65 -12.35 -3.34
C ILE B 137 -22.94 -13.00 -2.84
N ILE B 138 -23.41 -12.58 -1.65
CA ILE B 138 -24.61 -13.17 -1.07
C ILE B 138 -25.82 -12.92 -1.96
N LYS B 139 -25.96 -11.70 -2.50
CA LYS B 139 -27.09 -11.44 -3.40
C LYS B 139 -27.08 -12.37 -4.60
N GLU B 140 -25.89 -12.67 -5.16
CA GLU B 140 -25.83 -13.60 -6.27
C GLU B 140 -26.22 -15.02 -5.86
N ILE B 141 -25.85 -15.43 -4.64
CA ILE B 141 -26.28 -16.75 -4.17
C ILE B 141 -27.80 -16.80 -4.05
N LEU B 142 -28.41 -15.77 -3.43
CA LEU B 142 -29.86 -15.72 -3.32
C LEU B 142 -30.51 -15.70 -4.70
N LYS B 143 -29.90 -14.96 -5.64
CA LYS B 143 -30.43 -14.87 -7.00
C LYS B 143 -30.44 -16.23 -7.70
N ASN B 144 -29.40 -17.06 -7.48
CA ASN B 144 -29.30 -18.32 -8.21
C ASN B 144 -29.90 -19.51 -7.49
N PHE B 145 -30.08 -19.44 -6.17
CA PHE B 145 -30.71 -20.51 -5.40
C PHE B 145 -31.85 -19.92 -4.56
N PRO B 146 -32.83 -19.31 -5.21
CA PRO B 146 -33.92 -18.67 -4.45
C PRO B 146 -34.70 -19.66 -3.59
N LYS B 147 -35.18 -19.17 -2.44
CA LYS B 147 -35.92 -19.99 -1.50
C LYS B 147 -37.22 -20.58 -2.06
N GLU B 148 -37.79 -19.99 -3.11
CA GLU B 148 -39.03 -20.53 -3.66
C GLU B 148 -38.80 -21.86 -4.36
N ARG B 149 -37.60 -22.10 -4.89
CA ARG B 149 -37.35 -23.26 -5.74
C ARG B 149 -36.26 -24.19 -5.21
N TRP B 150 -35.55 -23.82 -4.17
CA TRP B 150 -34.41 -24.59 -3.69
C TRP B 150 -34.51 -24.74 -2.18
N ASP B 151 -34.39 -25.98 -1.71
CA ASP B 151 -34.19 -26.24 -0.30
C ASP B 151 -32.75 -25.84 0.01
N PRO B 152 -32.51 -24.73 0.72
CA PRO B 152 -31.12 -24.27 0.87
C PRO B 152 -30.23 -25.28 1.55
N SER B 153 -30.80 -26.19 2.37
CA SER B 153 -30.00 -27.19 3.06
C SER B 153 -29.44 -28.27 2.13
N LYS B 154 -29.97 -28.37 0.92
CA LYS B 154 -29.43 -29.30 -0.08
C LYS B 154 -28.54 -28.60 -1.11
N VAL B 155 -28.25 -27.31 -0.92
CA VAL B 155 -27.35 -26.55 -1.78
C VAL B 155 -25.99 -26.46 -1.09
N ASN B 156 -24.96 -27.05 -1.72
CA ASN B 156 -23.63 -27.16 -1.14
C ASN B 156 -22.74 -26.04 -1.67
N ILE B 157 -22.24 -25.21 -0.77
CA ILE B 157 -21.50 -24.01 -1.13
C ILE B 157 -20.14 -24.05 -0.47
N LEU B 158 -19.08 -23.92 -1.27
CA LEU B 158 -17.72 -23.97 -0.78
C LEU B 158 -17.12 -22.56 -0.84
N VAL B 159 -16.49 -22.14 0.27
CA VAL B 159 -15.85 -20.83 0.37
C VAL B 159 -14.37 -21.03 0.60
N PRO B 160 -13.57 -21.17 -0.45
CA PRO B 160 -12.11 -21.34 -0.26
C PRO B 160 -11.48 -20.07 0.26
N GLY B 161 -10.41 -20.23 1.02
CA GLY B 161 -9.72 -19.07 1.58
C GLY B 161 -10.65 -18.24 2.44
N ALA B 162 -11.34 -18.88 3.39
CA ALA B 162 -12.40 -18.22 4.13
C ALA B 162 -11.90 -17.25 5.19
N GLY B 163 -10.60 -17.24 5.49
CA GLY B 163 -10.07 -16.29 6.48
C GLY B 163 -10.64 -16.55 7.87
N LEU B 164 -11.21 -15.50 8.46
CA LEU B 164 -11.88 -15.65 9.75
C LEU B 164 -13.32 -16.13 9.64
N GLY B 165 -13.84 -16.33 8.43
CA GLY B 165 -15.04 -17.12 8.23
C GLY B 165 -16.36 -16.37 8.16
N ARG B 166 -16.35 -15.03 8.24
CA ARG B 166 -17.61 -14.29 8.33
C ARG B 166 -18.51 -14.53 7.12
N LEU B 167 -17.94 -14.58 5.92
CA LEU B 167 -18.72 -14.77 4.70
C LEU B 167 -19.35 -16.16 4.68
N ALA B 168 -18.54 -17.20 4.94
CA ALA B 168 -19.09 -18.55 5.04
C ALA B 168 -20.17 -18.62 6.10
N TRP B 169 -19.97 -17.94 7.23
CA TRP B 169 -20.96 -17.92 8.29
C TRP B 169 -22.25 -17.24 7.83
N GLU B 170 -22.13 -16.10 7.12
CA GLU B 170 -23.33 -15.38 6.66
C GLU B 170 -24.16 -16.23 5.71
N ILE B 171 -23.48 -17.01 4.87
CA ILE B 171 -24.14 -17.89 3.90
C ILE B 171 -24.84 -19.03 4.64
N ALA B 172 -24.19 -19.58 5.67
CA ALA B 172 -24.81 -20.61 6.47
C ALA B 172 -26.01 -20.08 7.25
N MET B 173 -25.95 -18.80 7.69
CA MET B 173 -27.07 -18.18 8.38
C MET B 173 -28.34 -18.18 7.53
N LEU B 174 -28.20 -18.11 6.20
CA LEU B 174 -29.34 -18.13 5.30
C LEU B 174 -29.89 -19.53 5.07
N GLY B 175 -29.25 -20.56 5.61
CA GLY B 175 -29.72 -21.92 5.50
C GLY B 175 -28.96 -22.78 4.51
N TYR B 176 -28.01 -22.21 3.76
CA TYR B 176 -27.27 -23.00 2.79
C TYR B 176 -26.26 -23.90 3.49
N ALA B 177 -25.95 -25.03 2.86
CA ALA B 177 -24.97 -25.97 3.41
C ALA B 177 -23.58 -25.45 3.02
N CYS B 178 -22.99 -24.64 3.88
CA CYS B 178 -21.79 -23.90 3.54
C CYS B 178 -20.58 -24.45 4.28
N GLN B 179 -19.48 -24.65 3.55
CA GLN B 179 -18.22 -25.07 4.14
C GLN B 179 -17.14 -24.07 3.76
N GLY B 180 -16.47 -23.52 4.78
CA GLY B 180 -15.33 -22.67 4.55
C GLY B 180 -14.05 -23.48 4.60
N ASN B 181 -13.05 -23.03 3.85
CA ASN B 181 -11.75 -23.71 3.78
C ASN B 181 -10.64 -22.71 3.95
N GLU B 182 -9.61 -23.08 4.71
CA GLU B 182 -8.50 -22.17 4.95
C GLU B 182 -7.21 -22.95 5.18
N TRP B 183 -6.12 -22.41 4.65
N TRP B 183 -6.12 -22.44 4.64
CA TRP B 183 -4.79 -22.98 4.66
CA TRP B 183 -4.79 -23.05 4.74
C TRP B 183 -3.91 -22.47 5.81
C TRP B 183 -3.96 -22.50 5.88
N SER B 184 -4.11 -21.21 6.20
CA SER B 184 -3.19 -20.55 7.11
C SER B 184 -3.53 -20.85 8.57
N PHE B 185 -2.51 -21.25 9.34
CA PHE B 185 -2.73 -21.47 10.76
C PHE B 185 -3.10 -20.19 11.49
N PHE B 186 -2.57 -19.04 11.03
CA PHE B 186 -2.98 -17.76 11.61
C PHE B 186 -4.49 -17.59 11.55
N MET B 187 -5.09 -17.90 10.39
CA MET B 187 -6.54 -17.78 10.24
C MET B 187 -7.27 -18.90 10.96
N LEU B 188 -6.75 -20.13 10.87
CA LEU B 188 -7.42 -21.27 11.51
C LEU B 188 -7.45 -21.13 13.03
N PHE B 189 -6.31 -20.80 13.64
CA PHE B 189 -6.31 -20.59 15.09
C PHE B 189 -7.34 -19.53 15.46
N SER B 190 -7.37 -18.42 14.72
CA SER B 190 -8.23 -17.30 15.10
C SER B 190 -9.69 -17.61 14.84
N SER B 191 -10.00 -18.27 13.72
CA SER B 191 -11.41 -18.53 13.41
C SER B 191 -11.99 -19.60 14.33
N ASN B 192 -11.21 -20.64 14.66
CA ASN B 192 -11.65 -21.60 15.67
C ASN B 192 -11.98 -20.88 16.96
N PHE B 193 -11.18 -19.86 17.32
CA PHE B 193 -11.44 -19.14 18.55
C PHE B 193 -12.72 -18.33 18.46
N VAL B 194 -12.91 -17.57 17.36
CA VAL B 194 -14.09 -16.73 17.23
C VAL B 194 -15.34 -17.59 17.10
N LEU B 195 -15.29 -18.61 16.23
CA LEU B 195 -16.49 -19.39 15.92
C LEU B 195 -16.88 -20.36 17.03
N ASN B 196 -15.95 -20.75 17.90
CA ASN B 196 -16.31 -21.69 18.95
C ASN B 196 -16.35 -21.09 20.34
N ARG B 197 -15.58 -20.03 20.61
CA ARG B 197 -15.48 -19.54 21.98
C ARG B 197 -16.10 -18.18 22.21
N CYS B 198 -16.23 -17.35 21.16
CA CYS B 198 -16.72 -15.99 21.34
C CYS B 198 -18.23 -16.02 21.17
N SER B 199 -18.90 -16.44 22.25
CA SER B 199 -20.34 -16.63 22.23
C SER B 199 -21.09 -15.51 22.94
N GLU B 200 -20.50 -14.32 23.00
CA GLU B 200 -21.11 -13.20 23.72
C GLU B 200 -20.73 -11.93 22.99
N ILE B 201 -21.73 -11.16 22.56
CA ILE B 201 -21.47 -10.06 21.64
C ILE B 201 -20.55 -9.03 22.29
N ASN B 202 -19.47 -8.68 21.59
CA ASN B 202 -18.57 -7.59 21.96
C ASN B 202 -17.87 -7.81 23.29
N LYS B 203 -17.73 -9.07 23.71
CA LYS B 203 -17.04 -9.38 24.96
C LYS B 203 -15.54 -9.07 24.88
N TYR B 204 -14.92 -9.23 23.72
CA TYR B 204 -13.49 -9.01 23.58
C TYR B 204 -13.19 -7.69 22.88
N LYS B 205 -11.97 -7.21 23.08
CA LYS B 205 -11.47 -6.10 22.29
C LYS B 205 -10.01 -6.35 21.94
N LEU B 206 -9.56 -5.73 20.86
CA LEU B 206 -8.14 -5.69 20.58
C LEU B 206 -7.81 -4.34 19.98
N TYR B 207 -6.50 -4.11 19.79
CA TYR B 207 -5.95 -2.81 19.38
C TYR B 207 -5.24 -3.02 18.04
N PRO B 208 -5.98 -2.99 16.94
CA PRO B 208 -5.41 -3.43 15.66
C PRO B 208 -4.54 -2.38 14.98
N TRP B 209 -4.49 -1.14 15.48
CA TRP B 209 -3.76 -0.07 14.81
C TRP B 209 -2.50 0.36 15.55
N ILE B 210 -2.12 -0.31 16.64
CA ILE B 210 -1.02 0.24 17.43
C ILE B 210 0.32 0.17 16.71
N HIS B 211 0.42 -0.63 15.65
CA HIS B 211 1.69 -0.75 14.91
C HIS B 211 1.91 0.40 13.94
N GLN B 212 0.86 1.14 13.58
CA GLN B 212 0.97 2.24 12.63
C GLN B 212 1.30 3.52 13.40
N PHE B 213 2.54 4.02 13.25
CA PHE B 213 2.98 5.27 13.86
C PHE B 213 2.90 6.47 12.92
N SER B 214 2.82 6.22 11.62
CA SER B 214 2.66 7.20 10.57
C SER B 214 1.19 7.51 10.31
N ASN B 215 0.96 8.70 9.73
CA ASN B 215 -0.35 9.04 9.17
C ASN B 215 -1.46 9.03 10.23
N ASN B 216 -1.12 9.43 11.44
CA ASN B 216 -2.09 9.54 12.54
C ASN B 216 -2.51 11.01 12.68
N ARG B 217 -3.82 11.26 12.61
CA ARG B 217 -4.32 12.62 12.83
C ARG B 217 -4.17 13.02 14.29
N ARG B 218 -4.61 12.15 15.19
CA ARG B 218 -4.54 12.35 16.63
C ARG B 218 -3.84 11.14 17.22
N SER B 219 -3.02 11.37 18.25
CA SER B 219 -2.32 10.27 18.88
C SER B 219 -3.28 9.22 19.41
N ALA B 220 -4.47 9.63 19.89
CA ALA B 220 -5.44 8.68 20.42
C ALA B 220 -5.88 7.66 19.38
N ASP B 221 -5.80 8.01 18.09
CA ASP B 221 -6.29 7.13 17.05
C ASP B 221 -5.49 5.83 17.00
N GLN B 222 -4.20 5.91 17.32
CA GLN B 222 -3.34 4.73 17.25
C GLN B 222 -3.75 3.67 18.26
N ILE B 223 -4.26 4.07 19.42
CA ILE B 223 -4.53 3.17 20.53
C ILE B 223 -6.03 2.93 20.70
N ARG B 224 -6.85 3.17 19.67
CA ARG B 224 -8.28 2.99 19.93
C ARG B 224 -8.65 1.52 19.76
N PRO B 225 -9.60 1.03 20.57
CA PRO B 225 -9.96 -0.38 20.52
C PRO B 225 -11.01 -0.66 19.45
N ILE B 226 -11.11 -1.93 19.08
CA ILE B 226 -12.25 -2.46 18.35
C ILE B 226 -12.81 -3.65 19.14
N PHE B 227 -14.13 -3.79 19.12
CA PHE B 227 -14.78 -4.85 19.88
C PHE B 227 -15.31 -5.93 18.95
N PHE B 228 -15.34 -7.16 19.46
CA PHE B 228 -15.83 -8.29 18.69
C PHE B 228 -16.27 -9.37 19.65
N PRO B 229 -17.11 -10.32 19.21
CA PRO B 229 -17.78 -10.37 17.91
C PRO B 229 -19.06 -9.53 17.90
N ASP B 230 -19.38 -8.89 16.76
CA ASP B 230 -20.58 -8.05 16.70
C ASP B 230 -21.87 -8.88 16.64
N VAL B 231 -21.80 -10.14 16.22
CA VAL B 231 -22.91 -11.09 16.27
C VAL B 231 -22.46 -12.30 17.09
N ASP B 232 -23.43 -13.00 17.65
CA ASP B 232 -23.12 -14.27 18.32
C ASP B 232 -22.96 -15.35 17.25
N PRO B 233 -21.76 -15.88 17.04
CA PRO B 233 -21.56 -16.87 15.98
C PRO B 233 -22.39 -18.11 16.17
N HIS B 234 -22.85 -18.39 17.40
CA HIS B 234 -23.73 -19.52 17.68
C HIS B 234 -25.21 -19.17 17.57
N SER B 235 -25.54 -18.04 16.97
CA SER B 235 -26.92 -17.76 16.60
C SER B 235 -27.31 -18.37 15.25
N LEU B 236 -26.50 -19.27 14.69
CA LEU B 236 -26.97 -20.06 13.56
C LEU B 236 -28.20 -20.83 13.99
N PRO B 237 -29.29 -20.79 13.25
CA PRO B 237 -30.54 -21.44 13.69
C PRO B 237 -30.42 -22.96 13.63
N PRO B 238 -31.29 -23.67 14.34
CA PRO B 238 -31.37 -25.13 14.14
C PRO B 238 -31.67 -25.47 12.70
N GLY B 239 -30.99 -26.49 12.19
CA GLY B 239 -31.07 -26.87 10.80
C GLY B 239 -29.96 -26.32 9.95
N SER B 240 -29.18 -25.38 10.47
CA SER B 240 -28.13 -24.82 9.65
C SER B 240 -26.94 -25.79 9.59
N ASN B 241 -26.11 -25.61 8.58
CA ASN B 241 -25.05 -26.57 8.28
C ASN B 241 -23.81 -25.77 7.89
N PHE B 242 -22.98 -25.48 8.89
CA PHE B 242 -21.78 -24.67 8.74
C PHE B 242 -20.56 -25.49 9.14
N SER B 243 -19.49 -25.45 8.34
CA SER B 243 -18.28 -26.18 8.71
C SER B 243 -17.06 -25.50 8.12
N MET B 244 -15.89 -25.89 8.63
CA MET B 244 -14.61 -25.30 8.22
C MET B 244 -13.57 -26.41 8.11
N THR B 245 -12.83 -26.43 6.99
CA THR B 245 -11.76 -27.39 6.80
C THR B 245 -10.40 -26.69 6.83
N ALA B 246 -9.37 -27.47 7.14
CA ALA B 246 -8.00 -26.97 7.26
C ALA B 246 -7.15 -27.57 6.15
N GLY B 247 -6.55 -26.71 5.35
CA GLY B 247 -5.62 -27.23 4.36
C GLY B 247 -5.72 -26.59 3.00
N ASP B 248 -4.81 -26.99 2.12
CA ASP B 248 -4.76 -26.44 0.79
C ASP B 248 -6.02 -26.80 0.02
N PHE B 249 -6.73 -25.78 -0.42
CA PHE B 249 -7.93 -25.93 -1.26
C PHE B 249 -7.72 -26.94 -2.39
N GLN B 250 -6.53 -26.95 -2.99
CA GLN B 250 -6.33 -27.81 -4.14
C GLN B 250 -6.09 -29.26 -3.77
N GLU B 251 -5.63 -29.53 -2.54
CA GLU B 251 -5.42 -30.90 -2.13
C GLU B 251 -6.64 -31.49 -1.43
N ILE B 252 -7.41 -30.67 -0.70
CA ILE B 252 -8.52 -31.21 0.08
C ILE B 252 -9.68 -31.62 -0.82
N TYR B 253 -10.03 -30.79 -1.81
CA TYR B 253 -11.22 -31.00 -2.64
C TYR B 253 -10.79 -31.69 -3.94
N SER B 254 -10.87 -33.01 -3.94
CA SER B 254 -10.50 -33.81 -5.10
C SER B 254 -11.69 -34.51 -5.75
N GLU B 255 -12.85 -34.55 -5.10
CA GLU B 255 -14.05 -35.13 -5.69
C GLU B 255 -14.66 -34.15 -6.69
N CYS B 256 -14.85 -34.61 -7.92
CA CYS B 256 -15.45 -33.83 -8.98
C CYS B 256 -16.97 -33.76 -8.83
N ASN B 257 -17.57 -32.73 -9.41
CA ASN B 257 -19.03 -32.66 -9.57
C ASN B 257 -19.75 -32.71 -8.22
N THR B 258 -19.24 -32.00 -7.24
CA THR B 258 -19.75 -32.01 -5.86
C THR B 258 -20.48 -30.75 -5.46
N TRP B 259 -19.99 -29.57 -5.83
CA TRP B 259 -20.43 -28.32 -5.25
C TRP B 259 -21.41 -27.62 -6.18
N ASP B 260 -22.50 -27.10 -5.59
CA ASP B 260 -23.42 -26.27 -6.35
C ASP B 260 -22.84 -24.90 -6.60
N CYS B 261 -21.97 -24.45 -5.70
CA CYS B 261 -21.51 -23.08 -5.75
C CYS B 261 -20.16 -22.97 -5.06
N ILE B 262 -19.25 -22.25 -5.68
CA ILE B 262 -17.99 -21.90 -5.06
C ILE B 262 -17.92 -20.38 -5.05
N ALA B 263 -17.64 -19.81 -3.89
CA ALA B 263 -17.62 -18.36 -3.69
C ALA B 263 -16.23 -17.94 -3.28
N THR B 264 -15.53 -17.20 -4.13
CA THR B 264 -14.16 -16.76 -3.84
C THR B 264 -14.13 -15.25 -3.67
N CYS B 265 -13.63 -14.80 -2.53
CA CYS B 265 -13.57 -13.39 -2.16
C CYS B 265 -12.14 -13.05 -1.78
N PHE B 266 -11.51 -12.16 -2.56
CA PHE B 266 -10.11 -11.78 -2.34
C PHE B 266 -9.23 -13.02 -2.23
N PHE B 267 -9.38 -13.93 -3.19
CA PHE B 267 -8.77 -15.24 -3.01
C PHE B 267 -7.91 -15.69 -4.20
N ILE B 268 -8.40 -15.54 -5.43
CA ILE B 268 -7.71 -16.22 -6.53
C ILE B 268 -6.35 -15.61 -6.80
N ASP B 269 -6.08 -14.40 -6.33
CA ASP B 269 -4.75 -13.84 -6.48
C ASP B 269 -3.78 -14.32 -5.42
N THR B 270 -4.21 -15.22 -4.52
CA THR B 270 -3.24 -15.89 -3.67
C THR B 270 -2.56 -17.07 -4.34
N ALA B 271 -2.93 -17.42 -5.57
CA ALA B 271 -2.40 -18.62 -6.20
C ALA B 271 -0.97 -18.42 -6.67
N HIS B 272 -0.15 -19.46 -6.54
CA HIS B 272 1.07 -19.51 -7.34
C HIS B 272 0.73 -19.47 -8.82
N ASN B 273 -0.34 -20.18 -9.21
CA ASN B 273 -0.76 -20.29 -10.60
C ASN B 273 -2.29 -20.31 -10.64
N VAL B 274 -2.88 -19.15 -10.91
CA VAL B 274 -4.32 -18.98 -10.86
C VAL B 274 -5.03 -19.94 -11.81
N ILE B 275 -4.34 -20.40 -12.86
CA ILE B 275 -4.94 -21.38 -13.76
C ILE B 275 -5.22 -22.68 -13.01
N ASP B 276 -4.34 -23.06 -12.07
CA ASP B 276 -4.60 -24.25 -11.27
C ASP B 276 -5.87 -24.09 -10.44
N TYR B 277 -6.07 -22.90 -9.86
CA TYR B 277 -7.31 -22.65 -9.13
C TYR B 277 -8.51 -22.80 -10.05
N ILE B 278 -8.45 -22.19 -11.24
CA ILE B 278 -9.57 -22.25 -12.17
C ILE B 278 -9.85 -23.69 -12.54
N ASP B 279 -8.79 -24.47 -12.75
CA ASP B 279 -8.95 -25.88 -13.13
C ASP B 279 -9.62 -26.67 -12.01
N THR B 280 -9.18 -26.49 -10.77
CA THR B 280 -9.82 -27.16 -9.65
C THR B 280 -11.29 -26.77 -9.52
N ILE B 281 -11.59 -25.49 -9.69
CA ILE B 281 -12.96 -25.03 -9.51
C ILE B 281 -13.88 -25.67 -10.55
N TRP B 282 -13.39 -25.75 -11.80
CA TRP B 282 -14.16 -26.40 -12.87
C TRP B 282 -14.41 -27.88 -12.56
N LYS B 283 -13.40 -28.58 -12.03
CA LYS B 283 -13.58 -30.02 -11.79
C LYS B 283 -14.60 -30.27 -10.69
N ILE B 284 -14.55 -29.50 -9.61
CA ILE B 284 -15.32 -29.86 -8.41
C ILE B 284 -16.72 -29.26 -8.40
N LEU B 285 -17.03 -28.33 -9.30
CA LEU B 285 -18.42 -27.89 -9.46
C LEU B 285 -19.28 -29.01 -10.07
N LYS B 286 -20.50 -29.16 -9.54
CA LYS B 286 -21.53 -29.91 -10.25
C LYS B 286 -21.79 -29.26 -11.61
N PRO B 287 -22.10 -30.07 -12.62
CA PRO B 287 -22.65 -29.49 -13.86
C PRO B 287 -23.87 -28.64 -13.54
N GLY B 288 -23.91 -27.42 -14.07
CA GLY B 288 -24.93 -26.47 -13.69
C GLY B 288 -24.54 -25.59 -12.52
N GLY B 289 -23.44 -25.90 -11.83
CA GLY B 289 -23.04 -25.10 -10.69
C GLY B 289 -22.40 -23.80 -11.10
N ILE B 290 -22.26 -22.90 -10.11
CA ILE B 290 -21.75 -21.57 -10.37
C ILE B 290 -20.55 -21.25 -9.50
N TRP B 291 -19.63 -20.49 -10.09
CA TRP B 291 -18.48 -19.90 -9.41
C TRP B 291 -18.71 -18.38 -9.33
N ILE B 292 -18.78 -17.86 -8.10
CA ILE B 292 -18.92 -16.43 -7.84
C ILE B 292 -17.57 -15.95 -7.35
N ASN B 293 -17.05 -14.88 -7.96
CA ASN B 293 -15.76 -14.34 -7.57
C ASN B 293 -15.86 -12.83 -7.41
N LEU B 294 -15.25 -12.33 -6.34
CA LEU B 294 -15.06 -10.90 -6.17
C LEU B 294 -13.68 -10.66 -5.58
N GLY B 295 -12.91 -9.78 -6.22
CA GLY B 295 -11.63 -9.37 -5.70
C GLY B 295 -10.75 -8.71 -6.72
N PRO B 296 -9.58 -8.23 -6.28
CA PRO B 296 -8.60 -7.63 -7.21
C PRO B 296 -7.66 -8.69 -7.73
N LEU B 297 -6.48 -8.29 -8.22
CA LEU B 297 -5.48 -9.23 -8.71
C LEU B 297 -4.12 -8.84 -8.16
N LEU B 298 -4.01 -8.89 -6.84
CA LEU B 298 -2.77 -8.62 -6.13
C LEU B 298 -2.07 -9.96 -5.91
N TYR B 299 -1.18 -10.33 -6.83
CA TYR B 299 -0.61 -11.67 -6.79
C TYR B 299 0.37 -11.78 -5.64
N HIS B 300 0.06 -12.68 -4.70
CA HIS B 300 0.76 -12.70 -3.42
C HIS B 300 2.20 -13.16 -3.55
N PHE B 301 2.56 -13.87 -4.62
CA PHE B 301 3.93 -14.36 -4.78
C PHE B 301 4.73 -13.58 -5.82
N GLU B 302 4.18 -12.49 -6.37
CA GLU B 302 4.88 -11.74 -7.40
C GLU B 302 6.28 -11.33 -6.94
N ASN B 303 7.27 -11.55 -7.80
CA ASN B 303 8.64 -11.06 -7.61
C ASN B 303 9.24 -11.48 -6.26
N LEU B 304 9.09 -12.76 -5.93
CA LEU B 304 9.69 -13.34 -4.73
C LEU B 304 10.62 -14.46 -5.15
N ALA B 305 11.81 -14.48 -4.57
CA ALA B 305 12.81 -15.45 -4.96
C ALA B 305 12.32 -16.87 -4.72
N ASN B 306 12.45 -17.71 -5.73
CA ASN B 306 12.15 -19.15 -5.65
C ASN B 306 10.66 -19.43 -5.41
N GLU B 307 9.78 -18.52 -5.79
CA GLU B 307 8.35 -18.75 -5.73
C GLU B 307 7.76 -18.62 -7.12
N LEU B 308 7.00 -19.63 -7.54
CA LEU B 308 6.27 -19.52 -8.79
C LEU B 308 5.14 -18.51 -8.66
N SER B 309 4.97 -17.69 -9.70
CA SER B 309 3.86 -16.74 -9.71
C SER B 309 3.52 -16.39 -11.15
N ILE B 310 2.34 -16.76 -11.59
CA ILE B 310 1.84 -16.42 -12.93
C ILE B 310 0.90 -15.24 -12.74
N GLU B 311 1.31 -14.06 -13.18
CA GLU B 311 0.46 -12.88 -13.04
C GLU B 311 -0.31 -12.65 -14.34
N LEU B 312 -1.62 -12.77 -14.26
CA LEU B 312 -2.48 -12.54 -15.42
C LEU B 312 -3.27 -11.25 -15.22
N SER B 313 -3.40 -10.48 -16.29
CA SER B 313 -4.38 -9.42 -16.33
C SER B 313 -5.78 -10.02 -16.21
N TYR B 314 -6.76 -9.19 -15.87
CA TYR B 314 -8.13 -9.69 -15.77
C TYR B 314 -8.62 -10.19 -17.13
N GLU B 315 -8.22 -9.50 -18.21
CA GLU B 315 -8.53 -9.96 -19.54
C GLU B 315 -8.08 -11.41 -19.76
N ASP B 316 -6.85 -11.74 -19.34
CA ASP B 316 -6.37 -13.11 -19.53
C ASP B 316 -7.15 -14.10 -18.66
N ILE B 317 -7.52 -13.69 -17.44
CA ILE B 317 -8.29 -14.59 -16.58
C ILE B 317 -9.61 -14.92 -17.24
N LYS B 318 -10.32 -13.90 -17.73
CA LYS B 318 -11.57 -14.17 -18.41
C LYS B 318 -11.36 -15.06 -19.63
N ASN B 319 -10.27 -14.83 -20.39
CA ASN B 319 -10.02 -15.69 -21.56
C ASN B 319 -9.76 -17.13 -21.16
N VAL B 320 -9.08 -17.34 -20.03
CA VAL B 320 -8.81 -18.70 -19.56
C VAL B 320 -10.12 -19.35 -19.11
N VAL B 321 -10.93 -18.61 -18.35
CA VAL B 321 -12.22 -19.11 -17.88
C VAL B 321 -13.10 -19.52 -19.05
N LEU B 322 -13.19 -18.67 -20.08
CA LEU B 322 -13.98 -19.01 -21.25
C LEU B 322 -13.48 -20.28 -21.93
N GLN B 323 -12.16 -20.47 -22.00
CA GLN B 323 -11.65 -21.66 -22.67
C GLN B 323 -11.96 -22.93 -21.90
N TYR B 324 -12.17 -22.85 -20.59
CA TYR B 324 -12.60 -24.01 -19.83
C TYR B 324 -14.05 -24.38 -20.12
N GLY B 325 -14.83 -23.47 -20.71
CA GLY B 325 -16.23 -23.76 -20.99
C GLY B 325 -17.21 -23.12 -20.05
N PHE B 326 -16.74 -22.32 -19.08
CA PHE B 326 -17.64 -21.55 -18.24
C PHE B 326 -18.46 -20.58 -19.10
N LYS B 327 -19.69 -20.36 -18.69
CA LYS B 327 -20.55 -19.36 -19.31
C LYS B 327 -20.66 -18.16 -18.38
N VAL B 328 -20.37 -16.98 -18.91
CA VAL B 328 -20.38 -15.76 -18.10
C VAL B 328 -21.82 -15.26 -17.95
N GLU B 329 -22.27 -15.12 -16.71
CA GLU B 329 -23.63 -14.67 -16.41
C GLU B 329 -23.69 -13.29 -15.79
N VAL B 330 -22.68 -12.93 -15.01
CA VAL B 330 -22.58 -11.62 -14.40
C VAL B 330 -21.13 -11.19 -14.53
N GLU B 331 -20.92 -9.93 -14.90
CA GLU B 331 -19.57 -9.37 -14.87
C GLU B 331 -19.69 -7.88 -14.57
N LYS B 332 -19.13 -7.46 -13.45
CA LYS B 332 -19.03 -6.05 -13.08
C LYS B 332 -17.58 -5.75 -12.74
N GLU B 333 -17.00 -4.78 -13.41
CA GLU B 333 -15.70 -4.29 -12.98
C GLU B 333 -15.88 -3.05 -12.09
N SER B 334 -14.79 -2.64 -11.45
CA SER B 334 -14.80 -1.45 -10.60
C SER B 334 -15.84 -1.57 -9.48
N VAL B 335 -15.85 -2.71 -8.79
CA VAL B 335 -16.55 -2.81 -7.51
C VAL B 335 -15.60 -2.30 -6.43
N LEU B 336 -15.86 -1.10 -5.91
CA LEU B 336 -14.94 -0.45 -4.97
C LEU B 336 -15.00 -1.11 -3.60
N SER B 337 -13.84 -1.42 -3.05
CA SER B 337 -13.81 -1.91 -1.68
C SER B 337 -12.44 -1.63 -1.08
N THR B 338 -12.43 -1.64 0.23
CA THR B 338 -11.23 -1.57 1.03
C THR B 338 -10.97 -2.95 1.63
N TYR B 339 -9.86 -3.07 2.32
CA TYR B 339 -9.51 -4.34 2.94
C TYR B 339 -8.75 -4.06 4.22
N THR B 340 -9.38 -4.33 5.36
CA THR B 340 -8.86 -3.98 6.69
C THR B 340 -8.37 -2.53 6.73
N VAL B 341 -9.21 -1.60 6.24
CA VAL B 341 -8.85 -0.20 6.19
C VAL B 341 -8.96 0.42 7.58
N ASN B 342 -8.00 1.29 7.90
CA ASN B 342 -8.05 2.12 9.08
C ASN B 342 -8.73 3.43 8.67
N ASP B 343 -9.97 3.62 9.11
CA ASP B 343 -10.78 4.72 8.60
C ASP B 343 -10.25 6.10 8.99
N LEU B 344 -9.53 6.21 10.11
CA LEU B 344 -8.99 7.49 10.53
C LEU B 344 -7.62 7.78 9.96
N SER B 345 -6.99 6.83 9.28
CA SER B 345 -5.64 7.04 8.81
C SER B 345 -5.59 8.10 7.71
N MET B 346 -4.45 8.79 7.62
CA MET B 346 -4.22 9.77 6.57
C MET B 346 -3.79 9.13 5.25
N MET B 347 -3.65 7.81 5.21
CA MET B 347 -3.28 7.08 3.99
C MET B 347 -4.13 5.82 3.91
N LYS B 348 -4.85 5.66 2.82
CA LYS B 348 -5.76 4.54 2.62
C LYS B 348 -5.56 3.93 1.24
N TYR B 349 -5.73 2.62 1.18
CA TYR B 349 -5.70 1.87 -0.07
C TYR B 349 -7.13 1.48 -0.40
N TYR B 350 -7.44 1.37 -1.68
CA TYR B 350 -8.70 0.75 -2.04
C TYR B 350 -8.52 -0.04 -3.34
N TYR B 351 -9.50 -0.89 -3.62
CA TYR B 351 -9.42 -1.80 -4.75
C TYR B 351 -10.60 -1.59 -5.67
N GLU B 352 -10.36 -1.70 -6.96
CA GLU B 352 -11.43 -1.72 -7.95
C GLU B 352 -11.58 -3.18 -8.34
N CYS B 353 -12.45 -3.88 -7.64
CA CYS B 353 -12.55 -5.32 -7.82
C CYS B 353 -13.40 -5.67 -9.03
N VAL B 354 -13.25 -6.90 -9.49
CA VAL B 354 -14.15 -7.46 -10.48
C VAL B 354 -15.05 -8.47 -9.79
N LEU B 355 -16.35 -8.37 -10.02
CA LEU B 355 -17.32 -9.38 -9.64
C LEU B 355 -17.72 -10.16 -10.90
N PHE B 356 -17.59 -11.48 -10.86
CA PHE B 356 -18.17 -12.26 -11.95
C PHE B 356 -18.81 -13.52 -11.40
N VAL B 357 -19.84 -13.97 -12.11
CA VAL B 357 -20.53 -15.22 -11.86
C VAL B 357 -20.43 -16.02 -13.15
N VAL B 358 -19.88 -17.23 -13.08
CA VAL B 358 -19.80 -18.10 -14.24
C VAL B 358 -20.44 -19.42 -13.88
N ARG B 359 -20.92 -20.13 -14.90
CA ARG B 359 -21.69 -21.34 -14.74
C ARG B 359 -21.02 -22.48 -15.50
N LYS B 360 -20.83 -23.60 -14.84
CA LYS B 360 -20.37 -24.80 -15.53
C LYS B 360 -21.55 -25.38 -16.28
N PRO B 361 -21.46 -25.58 -17.59
CA PRO B 361 -22.62 -26.04 -18.36
C PRO B 361 -23.13 -27.38 -17.85
N GLN B 362 -24.45 -27.55 -17.87
CA GLN B 362 -25.03 -28.83 -17.49
C GLN B 362 -24.65 -29.91 -18.53
#